data_5HV1
#
_entry.id   5HV1
#
_cell.length_a   151.090
_cell.length_b   151.090
_cell.length_c   191.648
_cell.angle_alpha   90.00
_cell.angle_beta   90.00
_cell.angle_gamma   120.00
#
_symmetry.space_group_name_H-M   'P 65 2 2'
#
loop_
_entity.id
_entity.type
_entity.pdbx_description
1 polymer 'Phosphoenolpyruvate synthase'
2 non-polymer 'PHOSPHOAMINOPHOSPHONIC ACID-ADENYLATE ESTER'
3 non-polymer RIFAMPICIN
4 non-polymer 'MAGNESIUM ION'
5 water water
#
_entity_poly.entity_id   1
_entity_poly.type   'polypeptide(L)'
_entity_poly.pdbx_seq_one_letter_code
;MRGSHHHHHHGSACELMKPYVLKFQEIRPHSEALVGGKGMNLGACSNIEGVHVPAGFCLTTEAYKRTLAENNEFTQLLQR
LSSLKTSDMDAIREISETIRTLIQHTQIPSEIASYMDATLLDVGGYEMPFAVRSSATAEDLPHASFAGQHDTYLNIIGKD
ALLQHISMCWASLFTERAIIYRIQNQFDHRKVQLAVVIQQMISPEASGILFTADPITSNRKSLSIDASFGLGEALVSGLV
SADSYTVRENTITNKIIATKKLAIYSLKEGGTETRILEKSQQTKQTLTDQQIIQLAKLGRKIEAYFGKPQDIEWCLAEGA
FYIVQSRPITTLYPIPEVNEPGNRVYISVAHQQMMTDAMKPLGLSFYLMTTPATMYTAGGRLFVDITQSLSAKVSRDMMV
NSLGQSDPLIKDALLTVINKKGFLPPLPTEENPSHATVSGKPPVRSIPDSSSVFELVRNSENSIKHLKQSIETKSGSDLF
DFIVEDLEELKRVLFNPTSIDAIMAGMDASAWLNEHIYQWLGEKNVADKLSESAPNNITSQMGLELLDVADVIRPYPAVR
AYLEQTKNPDFMNELATLEGGAETKKALEDYLQKYGMRCAGEIDLTKTRWIENPLTLIPLILSNIKNFDSSASMHKFAQG
EKEAFHKEQEILRRLQELPDGEQKAMETKEKIDILRHFIGYREYPKYGMINRYFIYKLALLRAGEQLVKDGILQEHEDIY
FLYFEELREVVRTGQVDYELINARKRDFATFEKLTPPRILTSDGEMINGEYKRENLPKDAILGLPVSSGTVEGRARVILE
MEKADLEDGDILVTAYTDPSWTPAFVSIKGLVTEVGGLMTHGAVIAREYGLPAVVGVENATTIIKDGQQIRINGTEGYIE
ILD
;
_entity_poly.pdbx_strand_id   A
#
# COMPACT_ATOMS: atom_id res chain seq x y z
N MET A 17 39.25 -6.16 -2.30
CA MET A 17 38.80 -5.63 -3.58
C MET A 17 39.96 -5.59 -4.58
N LYS A 18 40.67 -6.70 -4.72
CA LYS A 18 41.76 -6.78 -5.68
C LYS A 18 41.59 -7.75 -6.86
N PRO A 19 40.99 -8.94 -6.65
CA PRO A 19 41.11 -9.94 -7.72
C PRO A 19 40.21 -9.66 -8.94
N TYR A 20 40.63 -10.16 -10.10
CA TYR A 20 39.89 -9.97 -11.34
C TYR A 20 38.86 -11.08 -11.57
N VAL A 21 39.15 -12.26 -11.00
CA VAL A 21 38.30 -13.44 -11.17
C VAL A 21 38.19 -14.22 -9.86
N LEU A 22 36.98 -14.71 -9.58
CA LEU A 22 36.74 -15.58 -8.43
C LEU A 22 35.83 -16.71 -8.82
N LYS A 23 36.24 -17.93 -8.49
CA LYS A 23 35.36 -19.06 -8.63
C LYS A 23 34.26 -18.96 -7.58
N PHE A 24 33.11 -19.56 -7.87
CA PHE A 24 31.98 -19.54 -6.94
C PHE A 24 32.41 -20.03 -5.56
N GLN A 25 33.33 -20.98 -5.53
CA GLN A 25 33.83 -21.54 -4.29
C GLN A 25 34.68 -20.55 -3.48
N GLU A 26 35.15 -19.48 -4.11
CA GLU A 26 36.06 -18.55 -3.45
C GLU A 26 35.37 -17.31 -2.91
N ILE A 27 34.10 -17.17 -3.25
CA ILE A 27 33.35 -15.98 -2.89
C ILE A 27 32.95 -15.97 -1.41
N ARG A 28 33.33 -14.90 -0.73
CA ARG A 28 33.04 -14.71 0.68
C ARG A 28 31.70 -14.00 0.81
N PRO A 29 31.08 -14.05 2.01
CA PRO A 29 29.83 -13.31 2.22
C PRO A 29 30.00 -11.80 1.93
N HIS A 30 28.91 -11.15 1.53
CA HIS A 30 28.87 -9.70 1.32
C HIS A 30 29.87 -9.19 0.29
N SER A 31 30.05 -9.94 -0.79
CA SER A 31 31.02 -9.57 -1.82
C SER A 31 30.32 -9.00 -3.04
N GLU A 32 29.11 -8.49 -2.86
CA GLU A 32 28.35 -7.92 -3.96
C GLU A 32 29.13 -6.84 -4.70
N ALA A 33 29.86 -6.01 -3.96
CA ALA A 33 30.65 -4.95 -4.57
C ALA A 33 31.62 -5.49 -5.62
N LEU A 34 31.99 -6.76 -5.49
CA LEU A 34 32.99 -7.37 -6.37
C LEU A 34 32.36 -8.28 -7.43
N VAL A 35 31.40 -9.11 -7.01
CA VAL A 35 30.80 -10.11 -7.90
C VAL A 35 29.35 -9.83 -8.31
N GLY A 36 28.73 -8.81 -7.74
CA GLY A 36 27.35 -8.51 -8.10
C GLY A 36 26.38 -9.39 -7.34
N GLY A 37 25.10 -9.05 -7.39
CA GLY A 37 24.09 -9.82 -6.69
C GLY A 37 23.95 -11.24 -7.17
N LYS A 38 23.87 -11.40 -8.48
CA LYS A 38 23.71 -12.72 -9.09
C LYS A 38 24.89 -13.61 -8.72
N GLY A 39 26.09 -13.05 -8.86
CA GLY A 39 27.31 -13.77 -8.57
C GLY A 39 27.38 -14.19 -7.12
N MET A 40 26.97 -13.29 -6.24
CA MET A 40 27.05 -13.55 -4.81
C MET A 40 26.13 -14.69 -4.42
N ASN A 41 24.91 -14.67 -4.95
CA ASN A 41 23.93 -15.67 -4.57
C ASN A 41 24.27 -17.03 -5.15
N LEU A 42 24.93 -17.01 -6.30
CA LEU A 42 25.44 -18.24 -6.90
C LEU A 42 26.55 -18.82 -6.03
N GLY A 43 27.42 -17.94 -5.53
CA GLY A 43 28.46 -18.35 -4.61
C GLY A 43 27.87 -19.00 -3.38
N ALA A 44 26.85 -18.34 -2.82
CA ALA A 44 26.20 -18.82 -1.61
C ALA A 44 25.52 -20.16 -1.84
N CYS A 45 24.79 -20.26 -2.94
CA CYS A 45 24.09 -21.49 -3.29
C CYS A 45 25.04 -22.67 -3.47
N SER A 46 26.24 -22.39 -3.99
CA SER A 46 27.17 -23.47 -4.32
C SER A 46 27.79 -24.11 -3.06
N ASN A 47 27.52 -23.54 -1.89
CA ASN A 47 28.05 -24.12 -0.66
C ASN A 47 26.96 -24.84 0.15
N ILE A 48 25.77 -24.96 -0.42
CA ILE A 48 24.71 -25.71 0.23
C ILE A 48 24.75 -27.14 -0.22
N GLU A 49 24.97 -28.07 0.70
CA GLU A 49 24.99 -29.47 0.31
C GLU A 49 23.61 -29.94 -0.15
N GLY A 50 23.61 -30.75 -1.21
CA GLY A 50 22.38 -31.21 -1.81
C GLY A 50 21.91 -30.28 -2.90
N VAL A 51 22.65 -29.17 -3.07
CA VAL A 51 22.37 -28.18 -4.11
C VAL A 51 23.48 -28.16 -5.16
N HIS A 52 23.10 -28.44 -6.40
CA HIS A 52 24.05 -28.52 -7.48
C HIS A 52 24.03 -27.24 -8.32
N VAL A 53 25.06 -26.42 -8.13
CA VAL A 53 25.28 -25.23 -8.94
C VAL A 53 26.35 -25.48 -9.96
N PRO A 54 26.04 -25.31 -11.25
CA PRO A 54 27.04 -25.58 -12.27
C PRO A 54 28.28 -24.75 -12.04
N ALA A 55 29.45 -25.38 -12.13
CA ALA A 55 30.71 -24.73 -11.82
C ALA A 55 30.88 -23.47 -12.66
N GLY A 56 31.61 -22.51 -12.11
CA GLY A 56 31.85 -21.26 -12.81
C GLY A 56 32.62 -20.25 -12.00
N PHE A 57 32.71 -19.03 -12.53
CA PHE A 57 33.43 -17.97 -11.86
C PHE A 57 32.88 -16.62 -12.29
N CYS A 58 33.24 -15.60 -11.52
CA CYS A 58 32.82 -14.26 -11.84
C CYS A 58 34.00 -13.46 -12.36
N LEU A 59 33.82 -12.82 -13.50
CA LEU A 59 34.71 -11.75 -13.87
C LEU A 59 34.27 -10.54 -13.05
N THR A 60 35.17 -10.13 -12.16
CA THR A 60 34.90 -9.17 -11.09
C THR A 60 34.71 -7.73 -11.59
N THR A 61 34.06 -6.90 -10.78
CA THR A 61 33.89 -5.48 -11.09
C THR A 61 35.24 -4.76 -11.24
N GLU A 62 36.31 -5.37 -10.72
CA GLU A 62 37.69 -4.91 -10.92
C GLU A 62 38.05 -4.81 -12.38
N ALA A 63 37.69 -5.87 -13.09
CA ALA A 63 37.97 -5.97 -14.51
C ALA A 63 37.26 -4.85 -15.24
N TYR A 64 36.03 -4.59 -14.81
CA TYR A 64 35.20 -3.52 -15.35
C TYR A 64 35.84 -2.16 -15.09
N LYS A 65 36.23 -1.90 -13.84
CA LYS A 65 36.82 -0.63 -13.45
C LYS A 65 38.17 -0.41 -14.14
N ARG A 66 38.99 -1.45 -14.15
CA ARG A 66 40.28 -1.42 -14.83
C ARG A 66 40.14 -1.08 -16.31
N THR A 67 39.23 -1.77 -16.98
CA THR A 67 39.07 -1.67 -18.44
C THR A 67 38.36 -0.39 -18.89
N LEU A 68 37.36 0.03 -18.13
CA LEU A 68 36.46 1.11 -18.56
C LEU A 68 36.51 2.37 -17.70
N ALA A 69 36.24 2.21 -16.40
CA ALA A 69 36.11 3.36 -15.48
C ALA A 69 37.42 4.13 -15.29
N GLU A 70 38.52 3.57 -15.82
CA GLU A 70 39.82 4.23 -15.76
C GLU A 70 40.14 4.95 -17.06
N ASN A 71 39.23 4.84 -18.02
CA ASN A 71 39.40 5.47 -19.32
C ASN A 71 38.88 6.89 -19.30
N ASN A 72 39.71 7.85 -19.72
CA ASN A 72 39.32 9.26 -19.63
C ASN A 72 38.10 9.61 -20.48
N GLU A 73 37.98 9.04 -21.68
CA GLU A 73 36.81 9.33 -22.49
C GLU A 73 35.55 8.74 -21.88
N PHE A 74 35.64 7.50 -21.42
CA PHE A 74 34.54 6.83 -20.73
C PHE A 74 34.04 7.68 -19.55
N THR A 75 34.95 8.06 -18.66
CA THR A 75 34.59 8.83 -17.46
C THR A 75 34.02 10.19 -17.83
N GLN A 76 34.57 10.79 -18.89
CA GLN A 76 34.03 12.05 -19.34
C GLN A 76 32.62 11.84 -19.82
N LEU A 77 32.41 10.82 -20.64
CA LEU A 77 31.07 10.45 -21.11
C LEU A 77 30.09 10.19 -19.96
N LEU A 78 30.54 9.48 -18.93
CA LEU A 78 29.68 9.18 -17.78
C LEU A 78 29.44 10.41 -16.89
N GLN A 79 30.43 11.30 -16.83
CA GLN A 79 30.26 12.56 -16.13
C GLN A 79 29.19 13.40 -16.83
N ARG A 80 29.13 13.32 -18.15
CA ARG A 80 28.07 13.97 -18.91
C ARG A 80 26.73 13.31 -18.60
N LEU A 81 26.69 11.99 -18.70
CA LEU A 81 25.48 11.21 -18.40
C LEU A 81 24.89 11.54 -17.03
N SER A 82 25.76 11.87 -16.07
CA SER A 82 25.35 12.28 -14.73
C SER A 82 24.41 13.50 -14.73
N SER A 83 24.50 14.30 -15.79
CA SER A 83 23.83 15.59 -15.87
C SER A 83 22.39 15.56 -16.38
N LEU A 84 21.99 14.45 -17.00
CA LEU A 84 20.73 14.49 -17.75
C LEU A 84 19.55 13.79 -17.08
N LYS A 85 18.36 14.29 -17.41
CA LYS A 85 17.09 13.76 -16.91
C LYS A 85 16.44 12.83 -17.91
N THR A 86 15.35 12.19 -17.50
CA THR A 86 14.57 11.32 -18.40
C THR A 86 14.01 12.15 -19.56
N SER A 87 13.85 13.45 -19.33
CA SER A 87 13.35 14.34 -20.36
C SER A 87 14.44 14.78 -21.34
N ASP A 88 15.70 14.57 -20.98
CA ASP A 88 16.80 14.80 -21.90
C ASP A 88 16.85 13.45 -22.58
N MET A 89 15.88 13.20 -23.46
CA MET A 89 15.79 11.90 -24.13
C MET A 89 16.77 11.68 -25.27
N ASP A 90 16.94 12.68 -26.13
CA ASP A 90 17.81 12.50 -27.28
C ASP A 90 19.28 12.60 -26.92
N ALA A 91 19.58 13.33 -25.85
CA ALA A 91 20.92 13.29 -25.26
C ALA A 91 21.19 11.89 -24.71
N ILE A 92 20.14 11.19 -24.29
CA ILE A 92 20.25 9.82 -23.80
C ILE A 92 20.48 8.82 -24.93
N ARG A 93 19.71 8.97 -26.01
CA ARG A 93 19.87 8.10 -27.19
C ARG A 93 21.31 8.14 -27.74
N GLU A 94 21.90 9.33 -27.75
CA GLU A 94 23.18 9.51 -28.43
C GLU A 94 24.40 9.31 -27.54
N ILE A 95 24.33 9.79 -26.30
CA ILE A 95 25.45 9.64 -25.38
C ILE A 95 25.62 8.15 -25.04
N SER A 96 24.51 7.42 -25.01
CA SER A 96 24.55 6.01 -24.65
C SER A 96 25.01 5.18 -25.83
N GLU A 97 24.70 5.64 -27.04
CA GLU A 97 25.22 4.98 -28.22
C GLU A 97 26.73 5.12 -28.23
N THR A 98 27.20 6.30 -27.88
CA THR A 98 28.64 6.56 -27.81
C THR A 98 29.32 5.65 -26.80
N ILE A 99 28.78 5.62 -25.58
CA ILE A 99 29.30 4.77 -24.51
C ILE A 99 29.33 3.30 -24.92
N ARG A 100 28.21 2.79 -25.42
CA ARG A 100 28.10 1.40 -25.87
C ARG A 100 29.16 1.04 -26.92
N THR A 101 29.25 1.84 -27.97
CA THR A 101 30.21 1.54 -29.04
C THR A 101 31.63 1.71 -28.53
N LEU A 102 31.85 2.66 -27.62
CA LEU A 102 33.14 2.81 -26.97
C LEU A 102 33.52 1.55 -26.21
N ILE A 103 32.57 0.96 -25.52
CA ILE A 103 32.83 -0.23 -24.74
C ILE A 103 33.20 -1.41 -25.63
N GLN A 104 32.44 -1.59 -26.71
CA GLN A 104 32.66 -2.73 -27.60
C GLN A 104 33.94 -2.56 -28.42
N HIS A 105 34.48 -1.34 -28.43
CA HIS A 105 35.74 -1.09 -29.14
C HIS A 105 36.95 -1.16 -28.22
N THR A 106 36.72 -1.15 -26.91
CA THR A 106 37.82 -1.20 -25.95
C THR A 106 38.22 -2.64 -25.67
N GLN A 107 39.47 -2.97 -25.96
CA GLN A 107 39.94 -4.32 -25.74
C GLN A 107 40.16 -4.57 -24.25
N ILE A 108 39.99 -5.81 -23.83
CA ILE A 108 40.21 -6.21 -22.46
C ILE A 108 41.71 -6.42 -22.22
N PRO A 109 42.29 -5.70 -21.25
CA PRO A 109 43.72 -5.76 -20.95
C PRO A 109 44.22 -7.20 -20.83
N SER A 110 45.31 -7.49 -21.53
CA SER A 110 45.86 -8.84 -21.62
C SER A 110 46.11 -9.48 -20.25
N GLU A 111 46.40 -8.66 -19.24
CA GLU A 111 46.62 -9.17 -17.89
C GLU A 111 45.34 -9.80 -17.33
N ILE A 112 44.23 -9.10 -17.50
CA ILE A 112 42.94 -9.62 -17.10
C ILE A 112 42.61 -10.91 -17.84
N ALA A 113 42.84 -10.91 -19.16
CA ALA A 113 42.58 -12.09 -19.98
C ALA A 113 43.38 -13.31 -19.52
N SER A 114 44.58 -13.06 -19.00
CA SER A 114 45.46 -14.13 -18.54
C SER A 114 44.91 -14.82 -17.30
N TYR A 115 44.46 -14.02 -16.33
CA TYR A 115 43.89 -14.55 -15.10
C TYR A 115 42.65 -15.38 -15.43
N MET A 116 41.91 -14.93 -16.44
CA MET A 116 40.68 -15.61 -16.85
C MET A 116 41.00 -16.92 -17.53
N ASP A 117 41.99 -16.92 -18.41
CA ASP A 117 42.41 -18.13 -19.09
C ASP A 117 42.71 -19.25 -18.10
N ALA A 118 43.34 -18.88 -16.99
CA ALA A 118 43.69 -19.83 -15.95
C ALA A 118 42.46 -20.37 -15.24
N THR A 119 41.60 -19.47 -14.77
CA THR A 119 40.41 -19.89 -14.05
C THR A 119 39.46 -20.66 -14.97
N LEU A 120 39.42 -20.27 -16.23
CA LEU A 120 38.53 -20.93 -17.18
C LEU A 120 38.95 -22.37 -17.43
N LEU A 121 40.25 -22.61 -17.45
CA LEU A 121 40.75 -23.95 -17.67
C LEU A 121 40.36 -24.86 -16.52
N ASP A 122 40.13 -24.27 -15.35
CA ASP A 122 39.73 -25.03 -14.17
C ASP A 122 38.30 -25.48 -14.24
N VAL A 123 37.53 -24.94 -15.17
CA VAL A 123 36.13 -25.28 -15.15
C VAL A 123 35.47 -25.87 -16.40
N GLY A 124 36.14 -26.60 -17.25
CA GLY A 124 37.35 -26.12 -17.92
C GLY A 124 36.59 -25.84 -19.25
N GLY A 125 37.18 -25.39 -20.27
CA GLY A 125 38.56 -25.33 -20.66
C GLY A 125 38.04 -24.66 -21.95
N TYR A 126 38.74 -24.15 -22.98
CA TYR A 126 37.99 -23.29 -23.96
C TYR A 126 37.18 -24.00 -25.07
N GLU A 127 36.94 -25.30 -24.89
CA GLU A 127 36.17 -26.09 -25.85
C GLU A 127 34.78 -26.38 -25.30
N MET A 128 34.58 -26.01 -24.04
CA MET A 128 33.30 -26.22 -23.38
C MET A 128 32.44 -24.98 -23.48
N PRO A 129 31.11 -25.15 -23.43
CA PRO A 129 30.22 -23.99 -23.54
C PRO A 129 29.91 -23.32 -22.20
N PHE A 130 29.79 -22.01 -22.22
CA PHE A 130 29.49 -21.27 -20.99
C PHE A 130 28.34 -20.30 -21.16
N ALA A 131 27.62 -20.09 -20.07
CA ALA A 131 26.69 -18.98 -20.00
C ALA A 131 27.50 -17.75 -19.60
N VAL A 132 27.17 -16.62 -20.21
CA VAL A 132 27.82 -15.35 -19.91
C VAL A 132 26.77 -14.37 -19.44
N ARG A 133 26.76 -14.11 -18.14
CA ARG A 133 25.63 -13.48 -17.50
C ARG A 133 26.01 -12.21 -16.74
N SER A 134 25.27 -11.14 -16.95
CA SER A 134 25.51 -9.88 -16.25
C SER A 134 25.23 -10.03 -14.76
N SER A 135 25.99 -9.28 -13.96
CA SER A 135 25.84 -9.30 -12.51
C SER A 135 26.17 -7.84 -12.22
N ALA A 136 25.17 -7.09 -11.80
CA ALA A 136 25.38 -5.69 -11.45
C ALA A 136 25.40 -5.43 -9.96
N THR A 137 26.06 -4.33 -9.58
CA THR A 137 25.86 -3.73 -8.27
C THR A 137 25.87 -2.22 -8.27
N ALA A 138 25.14 -1.65 -7.33
CA ALA A 138 25.24 -0.24 -7.00
C ALA A 138 26.02 -0.10 -5.71
N GLU A 139 27.02 0.78 -5.72
CA GLU A 139 27.87 0.98 -4.54
C GLU A 139 27.04 1.34 -3.32
N ASP A 140 27.35 0.69 -2.20
CA ASP A 140 26.70 0.93 -0.91
C ASP A 140 25.21 0.61 -0.92
N LEU A 141 24.75 -0.07 -1.96
CA LEU A 141 23.41 -0.65 -1.99
C LEU A 141 23.52 -2.09 -2.43
N PRO A 142 24.17 -2.93 -1.61
CA PRO A 142 24.59 -4.28 -1.99
C PRO A 142 23.45 -5.18 -2.46
N HIS A 143 22.23 -4.88 -2.04
CA HIS A 143 21.11 -5.77 -2.31
C HIS A 143 20.19 -5.23 -3.40
N ALA A 144 20.52 -4.05 -3.91
CA ALA A 144 19.76 -3.43 -5.00
C ALA A 144 19.59 -4.39 -6.16
N SER A 145 18.37 -4.55 -6.63
CA SER A 145 18.10 -5.46 -7.72
C SER A 145 18.18 -4.72 -9.05
N PHE A 146 18.73 -5.38 -10.06
CA PHE A 146 18.67 -4.91 -11.43
C PHE A 146 18.03 -6.00 -12.27
N ALA A 147 17.00 -6.62 -11.70
CA ALA A 147 16.32 -7.73 -12.31
C ALA A 147 15.79 -7.35 -13.68
N GLY A 148 16.09 -8.19 -14.67
CA GLY A 148 15.62 -8.01 -16.03
C GLY A 148 16.14 -6.75 -16.69
N GLN A 149 17.33 -6.30 -16.32
CA GLN A 149 17.84 -5.03 -16.81
C GLN A 149 18.99 -5.18 -17.81
N HIS A 150 19.79 -6.23 -17.67
CA HIS A 150 20.99 -6.38 -18.48
C HIS A 150 21.07 -7.74 -19.18
N ASP A 151 22.07 -7.91 -20.06
CA ASP A 151 22.14 -9.05 -20.97
C ASP A 151 22.73 -10.35 -20.42
N THR A 152 22.30 -11.45 -21.02
CA THR A 152 22.93 -12.74 -20.84
C THR A 152 22.97 -13.42 -22.19
N TYR A 153 24.07 -14.09 -22.46
CA TYR A 153 24.18 -14.87 -23.67
C TYR A 153 24.55 -16.31 -23.32
N LEU A 154 23.83 -17.25 -23.90
CA LEU A 154 23.98 -18.65 -23.54
C LEU A 154 24.84 -19.41 -24.55
N ASN A 155 25.49 -20.45 -24.05
CA ASN A 155 26.21 -21.40 -24.89
C ASN A 155 27.29 -20.76 -25.73
N ILE A 156 28.20 -20.06 -25.08
CA ILE A 156 29.30 -19.42 -25.78
C ILE A 156 30.57 -20.24 -25.66
N ILE A 157 31.18 -20.53 -26.80
CA ILE A 157 32.35 -21.40 -26.86
C ILE A 157 33.54 -20.65 -27.45
N GLY A 158 34.69 -20.75 -26.79
CA GLY A 158 35.92 -20.15 -27.30
C GLY A 158 36.30 -18.84 -26.63
N LYS A 159 37.61 -18.59 -26.56
CA LYS A 159 38.13 -17.39 -25.91
C LYS A 159 37.70 -16.11 -26.63
N ASP A 160 37.79 -16.13 -27.95
CA ASP A 160 37.39 -14.97 -28.75
C ASP A 160 35.93 -14.60 -28.48
N ALA A 161 35.05 -15.59 -28.61
CA ALA A 161 33.64 -15.36 -28.38
C ALA A 161 33.37 -14.89 -26.94
N LEU A 162 34.11 -15.47 -26.00
CA LEU A 162 33.98 -15.12 -24.59
C LEU A 162 34.27 -13.66 -24.34
N LEU A 163 35.45 -13.22 -24.78
CA LEU A 163 35.87 -11.84 -24.61
C LEU A 163 34.86 -10.89 -25.28
N GLN A 164 34.37 -11.30 -26.44
CA GLN A 164 33.43 -10.48 -27.19
C GLN A 164 32.14 -10.27 -26.41
N HIS A 165 31.70 -11.33 -25.74
CA HIS A 165 30.40 -11.27 -25.07
C HIS A 165 30.48 -10.63 -23.70
N ILE A 166 31.69 -10.62 -23.13
CA ILE A 166 31.93 -9.87 -21.90
C ILE A 166 31.76 -8.39 -22.16
N SER A 167 32.37 -7.90 -23.25
CA SER A 167 32.21 -6.51 -23.63
C SER A 167 30.74 -6.19 -23.93
N MET A 168 30.06 -7.14 -24.58
CA MET A 168 28.64 -6.98 -24.87
C MET A 168 27.82 -6.85 -23.60
N CYS A 169 28.12 -7.69 -22.61
CA CYS A 169 27.45 -7.63 -21.32
C CYS A 169 27.65 -6.24 -20.70
N TRP A 170 28.91 -5.81 -20.68
CA TRP A 170 29.29 -4.51 -20.13
C TRP A 170 28.50 -3.39 -20.81
N ALA A 171 28.41 -3.48 -22.13
CA ALA A 171 27.72 -2.46 -22.91
C ALA A 171 26.23 -2.44 -22.58
N SER A 172 25.68 -3.57 -22.18
CA SER A 172 24.24 -3.67 -21.89
C SER A 172 23.86 -2.92 -20.62
N LEU A 173 24.88 -2.53 -19.85
CA LEU A 173 24.67 -1.64 -18.71
C LEU A 173 24.22 -0.27 -19.20
N PHE A 174 24.50 0.03 -20.48
CA PHE A 174 24.25 1.36 -21.01
C PHE A 174 23.30 1.38 -22.21
N THR A 175 22.30 0.51 -22.17
CA THR A 175 21.15 0.66 -23.04
C THR A 175 20.38 1.87 -22.54
N GLU A 176 19.60 2.48 -23.42
CA GLU A 176 18.71 3.57 -23.03
C GLU A 176 17.85 3.11 -21.85
N ARG A 177 17.37 1.88 -21.95
CA ARG A 177 16.47 1.29 -20.97
C ARG A 177 17.10 1.14 -19.58
N ALA A 178 18.34 0.68 -19.53
CA ALA A 178 19.05 0.52 -18.26
C ALA A 178 19.37 1.87 -17.63
N ILE A 179 19.68 2.84 -18.48
CA ILE A 179 19.97 4.19 -18.03
C ILE A 179 18.75 4.89 -17.43
N ILE A 180 17.62 4.78 -18.13
CA ILE A 180 16.35 5.34 -17.67
C ILE A 180 15.94 4.73 -16.32
N TYR A 181 16.14 3.42 -16.18
CA TYR A 181 15.85 2.70 -14.95
C TYR A 181 16.65 3.25 -13.78
N ARG A 182 17.93 3.51 -14.00
CA ARG A 182 18.81 4.03 -12.96
C ARG A 182 18.46 5.47 -12.58
N ILE A 183 18.16 6.30 -13.57
CA ILE A 183 17.71 7.65 -13.30
C ILE A 183 16.44 7.67 -12.44
N GLN A 184 15.45 6.88 -12.84
CA GLN A 184 14.17 6.80 -12.14
C GLN A 184 14.29 6.19 -10.74
N ASN A 185 15.29 5.33 -10.54
CA ASN A 185 15.53 4.71 -9.23
C ASN A 185 16.69 5.38 -8.48
N GLN A 186 17.11 6.53 -8.97
CA GLN A 186 18.12 7.38 -8.33
C GLN A 186 19.42 6.66 -8.04
N PHE A 187 19.81 5.77 -8.95
CA PHE A 187 21.14 5.18 -8.95
C PHE A 187 22.07 6.11 -9.72
N ASP A 188 23.22 6.40 -9.13
CA ASP A 188 24.26 7.17 -9.79
C ASP A 188 25.00 6.29 -10.79
N HIS A 189 24.99 6.68 -12.06
CA HIS A 189 25.62 5.89 -13.12
C HIS A 189 27.10 5.60 -12.85
N ARG A 190 27.78 6.55 -12.21
CA ARG A 190 29.21 6.41 -11.92
C ARG A 190 29.49 5.40 -10.79
N LYS A 191 28.45 5.04 -10.05
CA LYS A 191 28.60 4.15 -8.91
C LYS A 191 27.89 2.80 -9.10
N VAL A 192 27.63 2.46 -10.37
CA VAL A 192 27.14 1.13 -10.73
C VAL A 192 28.16 0.47 -11.65
N GLN A 193 28.52 -0.79 -11.35
CA GLN A 193 29.38 -1.56 -12.23
C GLN A 193 28.77 -2.93 -12.51
N LEU A 194 29.36 -3.63 -13.47
CA LEU A 194 28.89 -4.95 -13.87
C LEU A 194 29.97 -5.99 -13.66
N ALA A 195 29.64 -7.00 -12.88
CA ALA A 195 30.47 -8.20 -12.87
C ALA A 195 29.89 -9.11 -13.94
N VAL A 196 30.65 -10.10 -14.37
CA VAL A 196 30.14 -11.04 -15.35
C VAL A 196 30.28 -12.49 -14.87
N VAL A 197 29.14 -13.17 -14.77
CA VAL A 197 29.15 -14.56 -14.38
C VAL A 197 29.44 -15.40 -15.61
N ILE A 198 30.45 -16.24 -15.49
CA ILE A 198 30.81 -17.16 -16.54
C ILE A 198 30.69 -18.59 -16.02
N GLN A 199 29.71 -19.32 -16.54
CA GLN A 199 29.25 -20.56 -15.93
C GLN A 199 29.01 -21.69 -16.92
N GLN A 200 29.40 -22.90 -16.54
CA GLN A 200 29.16 -24.11 -17.34
C GLN A 200 27.70 -24.19 -17.75
N MET A 201 27.46 -24.45 -19.04
CA MET A 201 26.10 -24.61 -19.50
C MET A 201 25.53 -25.94 -19.06
N ILE A 202 24.27 -25.92 -18.65
CA ILE A 202 23.50 -27.15 -18.56
C ILE A 202 22.73 -27.29 -19.87
N SER A 203 22.65 -28.50 -20.41
CA SER A 203 21.79 -28.78 -21.55
C SER A 203 20.58 -29.56 -21.05
N PRO A 204 19.49 -28.85 -20.78
CA PRO A 204 18.41 -29.45 -19.99
C PRO A 204 17.22 -29.95 -20.80
N GLU A 205 16.52 -30.93 -20.25
CA GLU A 205 15.23 -31.34 -20.79
C GLU A 205 14.19 -30.31 -20.42
N ALA A 206 14.35 -29.73 -19.23
CA ALA A 206 13.41 -28.73 -18.71
C ALA A 206 14.08 -27.68 -17.83
N SER A 207 13.46 -26.52 -17.75
CA SER A 207 13.98 -25.41 -16.96
C SER A 207 12.85 -24.51 -16.56
N GLY A 208 13.11 -23.62 -15.61
CA GLY A 208 12.08 -22.71 -15.18
C GLY A 208 12.37 -21.93 -13.91
N ILE A 209 11.30 -21.42 -13.33
CA ILE A 209 11.38 -20.60 -12.13
C ILE A 209 10.65 -21.26 -10.99
N LEU A 210 11.06 -20.93 -9.77
CA LEU A 210 10.43 -21.44 -8.57
C LEU A 210 10.21 -20.28 -7.61
N PHE A 211 8.99 -20.17 -7.06
CA PHE A 211 8.72 -19.14 -6.07
C PHE A 211 8.35 -19.84 -4.79
N THR A 212 9.16 -19.70 -3.76
CA THR A 212 8.90 -20.41 -2.52
C THR A 212 7.57 -20.10 -1.83
N ALA A 213 6.80 -19.13 -2.33
CA ALA A 213 5.50 -18.74 -1.75
C ALA A 213 4.58 -18.18 -2.82
N ASP A 214 3.38 -18.77 -2.92
CA ASP A 214 2.48 -18.58 -4.07
C ASP A 214 2.22 -17.10 -4.30
N PRO A 215 2.35 -16.67 -5.58
CA PRO A 215 2.13 -15.25 -5.89
C PRO A 215 0.63 -14.85 -5.83
N ILE A 216 -0.25 -15.81 -6.08
CA ILE A 216 -1.62 -15.71 -5.60
C ILE A 216 -1.65 -16.19 -4.14
N THR A 217 -2.71 -15.87 -3.40
CA THR A 217 -2.82 -16.27 -1.98
C THR A 217 -1.77 -15.44 -1.24
N SER A 218 -0.51 -15.65 -1.62
CA SER A 218 0.69 -15.11 -0.98
C SER A 218 0.95 -15.88 0.29
N ASN A 219 0.05 -16.79 0.55
CA ASN A 219 0.22 -17.78 1.57
C ASN A 219 1.64 -18.32 1.62
N ARG A 220 2.29 -18.21 2.77
CA ARG A 220 3.73 -18.43 2.84
C ARG A 220 4.01 -19.90 2.76
N LYS A 221 2.96 -20.67 2.51
CA LYS A 221 3.00 -22.12 2.64
C LYS A 221 2.95 -22.88 1.32
N SER A 222 2.37 -22.29 0.28
CA SER A 222 2.35 -23.00 -0.98
C SER A 222 3.61 -22.71 -1.78
N LEU A 223 3.92 -23.60 -2.71
CA LEU A 223 5.05 -23.41 -3.58
C LEU A 223 4.58 -23.20 -5.01
N SER A 224 5.47 -22.80 -5.90
CA SER A 224 5.06 -22.63 -7.29
C SER A 224 6.22 -22.78 -8.26
N ILE A 225 5.94 -23.59 -9.29
CA ILE A 225 6.86 -23.87 -10.36
C ILE A 225 6.31 -23.41 -11.69
N ASP A 226 7.12 -22.65 -12.42
CA ASP A 226 6.85 -22.48 -13.82
C ASP A 226 7.86 -23.38 -14.51
N ALA A 227 7.40 -24.24 -15.42
CA ALA A 227 8.27 -25.20 -16.08
C ALA A 227 8.05 -25.31 -17.59
N SER A 228 9.13 -25.24 -18.35
CA SER A 228 9.10 -25.44 -19.80
C SER A 228 10.09 -26.49 -20.22
N PHE A 229 9.95 -26.99 -21.44
CA PHE A 229 10.94 -27.85 -22.03
C PHE A 229 12.06 -26.96 -22.56
N GLY A 230 13.29 -27.48 -22.55
CA GLY A 230 14.40 -26.76 -23.14
C GLY A 230 15.03 -25.72 -22.25
N LEU A 231 15.86 -24.85 -22.84
CA LEU A 231 16.56 -23.79 -22.10
C LEU A 231 15.60 -22.72 -21.59
N GLY A 232 16.01 -22.10 -20.49
CA GLY A 232 15.12 -21.20 -19.78
C GLY A 232 14.92 -19.85 -20.43
N GLU A 233 15.67 -19.55 -21.49
CA GLU A 233 15.61 -18.21 -22.08
C GLU A 233 14.24 -17.89 -22.68
N ALA A 234 13.56 -18.90 -23.19
CA ALA A 234 12.23 -18.72 -23.78
C ALA A 234 11.21 -18.21 -22.75
N LEU A 235 11.09 -18.93 -21.65
CA LEU A 235 10.19 -18.60 -20.55
C LEU A 235 10.40 -17.18 -20.01
N VAL A 236 11.63 -16.69 -20.11
CA VAL A 236 12.06 -15.45 -19.47
C VAL A 236 12.06 -14.20 -20.39
N SER A 237 11.99 -14.41 -21.70
CA SER A 237 12.20 -13.32 -22.67
C SER A 237 11.09 -12.86 -23.68
N GLY A 238 9.82 -13.25 -23.57
CA GLY A 238 9.22 -13.95 -22.45
C GLY A 238 8.33 -15.09 -22.91
N LEU A 239 8.47 -15.52 -24.16
CA LEU A 239 7.70 -16.64 -24.67
C LEU A 239 8.72 -17.57 -25.20
N VAL A 240 8.63 -18.88 -24.99
CA VAL A 240 7.48 -19.74 -24.68
C VAL A 240 6.58 -19.59 -23.43
N SER A 241 5.41 -20.20 -23.56
CA SER A 241 4.56 -20.57 -22.44
C SER A 241 5.11 -21.64 -21.50
N ALA A 242 4.48 -21.69 -20.35
CA ALA A 242 4.97 -22.53 -19.29
C ALA A 242 3.89 -23.16 -18.40
N ASP A 243 4.23 -24.35 -17.93
CA ASP A 243 3.46 -25.11 -16.95
C ASP A 243 3.40 -24.42 -15.59
N SER A 244 2.27 -24.53 -14.88
CA SER A 244 2.19 -24.00 -13.53
C SER A 244 1.66 -25.00 -12.49
N TYR A 245 2.43 -25.23 -11.43
CA TYR A 245 2.00 -26.16 -10.38
C TYR A 245 2.15 -25.63 -8.96
N THR A 246 1.11 -25.86 -8.15
CA THR A 246 1.12 -25.43 -6.76
C THR A 246 1.10 -26.61 -5.79
N VAL A 247 2.00 -26.64 -4.82
CA VAL A 247 2.06 -27.76 -3.88
C VAL A 247 1.93 -27.29 -2.43
N ARG A 248 0.77 -27.42 -1.80
CA ARG A 248 0.57 -26.88 -0.41
C ARG A 248 1.28 -27.36 0.86
N GLU A 249 1.36 -28.64 1.08
CA GLU A 249 2.06 -29.17 2.23
C GLU A 249 3.16 -30.05 1.83
N ASN A 250 2.83 -31.24 1.36
CA ASN A 250 3.64 -32.11 0.54
C ASN A 250 2.77 -32.79 -0.47
N THR A 251 1.64 -32.17 -0.73
CA THR A 251 0.64 -32.65 -1.62
C THR A 251 0.46 -31.62 -2.66
N ILE A 252 0.14 -32.04 -3.87
CA ILE A 252 -0.01 -31.12 -4.96
C ILE A 252 -1.42 -30.63 -5.18
N THR A 253 -1.65 -29.40 -4.79
CA THR A 253 -2.95 -28.73 -4.90
C THR A 253 -3.44 -28.62 -6.34
N ASN A 254 -2.56 -28.14 -7.19
CA ASN A 254 -2.93 -27.82 -8.56
C ASN A 254 -1.81 -28.18 -9.51
N LYS A 255 -2.23 -28.53 -10.70
CA LYS A 255 -1.37 -28.79 -11.82
C LYS A 255 -2.00 -27.96 -12.92
N ILE A 256 -1.18 -27.31 -13.72
CA ILE A 256 -1.68 -26.68 -14.91
C ILE A 256 -0.76 -27.15 -16.03
N ILE A 257 -1.26 -27.21 -17.26
CA ILE A 257 -0.41 -27.62 -18.35
C ILE A 257 -0.61 -26.74 -19.58
N ALA A 258 0.40 -25.92 -19.85
CA ALA A 258 0.39 -25.05 -21.01
C ALA A 258 0.62 -25.84 -22.28
N THR A 259 0.07 -25.36 -23.38
CA THR A 259 0.40 -25.88 -24.68
C THR A 259 1.72 -25.19 -25.10
N LYS A 260 2.83 -25.90 -24.96
CA LYS A 260 4.16 -25.35 -25.17
C LYS A 260 4.65 -25.54 -26.59
N LYS A 261 4.46 -24.52 -27.43
CA LYS A 261 4.76 -24.62 -28.85
C LYS A 261 6.26 -24.68 -29.11
N LEU A 262 7.02 -23.84 -28.42
CA LEU A 262 8.44 -23.71 -28.72
C LEU A 262 9.38 -24.11 -27.59
N ALA A 263 10.60 -24.50 -27.95
CA ALA A 263 11.64 -24.77 -26.97
C ALA A 263 13.00 -24.37 -27.51
N ILE A 264 13.85 -23.85 -26.63
CA ILE A 264 15.17 -23.35 -27.04
C ILE A 264 16.28 -24.36 -26.71
N TYR A 265 17.12 -24.66 -27.68
CA TYR A 265 18.16 -25.66 -27.49
C TYR A 265 19.55 -25.16 -27.91
N SER A 266 20.57 -25.70 -27.25
CA SER A 266 21.95 -25.33 -27.53
C SER A 266 22.47 -26.03 -28.79
N LEU A 267 23.18 -25.28 -29.62
CA LEU A 267 23.84 -25.85 -30.80
C LEU A 267 25.23 -26.37 -30.42
N LYS A 268 25.61 -27.51 -30.98
CA LYS A 268 26.88 -28.17 -30.64
C LYS A 268 28.09 -27.24 -30.78
N GLU A 269 28.04 -26.36 -31.78
CA GLU A 269 29.16 -25.51 -32.11
C GLU A 269 28.99 -24.10 -31.55
N GLY A 270 28.05 -23.94 -30.63
CA GLY A 270 27.85 -22.66 -29.98
C GLY A 270 26.55 -21.96 -30.35
N GLY A 271 26.09 -21.08 -29.47
CA GLY A 271 24.87 -20.36 -29.70
C GLY A 271 23.64 -21.23 -29.51
N THR A 272 22.52 -20.77 -30.03
CA THR A 272 21.21 -21.24 -29.59
C THR A 272 20.19 -21.17 -30.71
N GLU A 273 19.27 -22.13 -30.74
CA GLU A 273 18.19 -22.06 -31.73
C GLU A 273 16.85 -22.57 -31.21
N THR A 274 15.79 -21.92 -31.70
CA THR A 274 14.43 -22.21 -31.32
C THR A 274 13.85 -23.30 -32.21
N ARG A 275 13.23 -24.32 -31.62
CA ARG A 275 12.59 -25.36 -32.40
C ARG A 275 11.11 -25.43 -32.07
N ILE A 276 10.33 -26.04 -32.95
CA ILE A 276 8.91 -26.25 -32.71
C ILE A 276 8.73 -27.67 -32.20
N LEU A 277 8.06 -27.81 -31.06
CA LEU A 277 7.81 -29.14 -30.51
C LEU A 277 6.71 -29.84 -31.29
N GLU A 278 6.82 -31.16 -31.39
CA GLU A 278 5.77 -31.96 -32.01
C GLU A 278 4.45 -31.73 -31.29
N LYS A 279 3.35 -31.78 -32.03
CA LYS A 279 2.03 -31.45 -31.46
C LYS A 279 1.75 -32.27 -30.21
N SER A 280 2.11 -33.54 -30.23
CA SER A 280 1.85 -34.44 -29.12
C SER A 280 2.77 -34.19 -27.95
N GLN A 281 3.82 -33.40 -28.16
CA GLN A 281 4.77 -33.10 -27.10
C GLN A 281 4.43 -31.79 -26.38
N GLN A 282 3.75 -30.89 -27.09
CA GLN A 282 3.44 -29.55 -26.59
C GLN A 282 2.51 -29.56 -25.37
N THR A 283 1.72 -30.61 -25.23
CA THR A 283 0.74 -30.66 -24.15
C THR A 283 1.15 -31.61 -23.02
N LYS A 284 2.35 -32.17 -23.12
CA LYS A 284 2.87 -33.03 -22.06
C LYS A 284 3.23 -32.21 -20.83
N GLN A 285 3.03 -32.80 -19.66
CA GLN A 285 3.41 -32.19 -18.40
C GLN A 285 4.93 -32.13 -18.23
N THR A 286 5.47 -30.91 -18.19
CA THR A 286 6.91 -30.70 -18.21
C THR A 286 7.63 -31.54 -17.17
N LEU A 287 7.12 -31.50 -15.95
CA LEU A 287 7.70 -32.27 -14.84
C LEU A 287 6.70 -33.32 -14.33
N THR A 288 7.21 -34.50 -13.98
CA THR A 288 6.38 -35.54 -13.38
C THR A 288 5.97 -35.09 -12.01
N ASP A 289 4.93 -35.71 -11.45
CA ASP A 289 4.47 -35.34 -10.13
C ASP A 289 5.58 -35.56 -9.09
N GLN A 290 6.33 -36.65 -9.21
CA GLN A 290 7.46 -36.89 -8.30
C GLN A 290 8.53 -35.81 -8.40
N GLN A 291 8.79 -35.36 -9.63
CA GLN A 291 9.81 -34.34 -9.85
C GLN A 291 9.38 -32.99 -9.29
N ILE A 292 8.08 -32.73 -9.37
CA ILE A 292 7.51 -31.50 -8.85
C ILE A 292 7.69 -31.41 -7.34
N ILE A 293 7.42 -32.52 -6.65
CA ILE A 293 7.58 -32.56 -5.20
C ILE A 293 9.05 -32.50 -4.82
N GLN A 294 9.89 -33.16 -5.58
CA GLN A 294 11.32 -33.08 -5.35
C GLN A 294 11.84 -31.64 -5.47
N LEU A 295 11.35 -30.93 -6.48
CA LEU A 295 11.79 -29.54 -6.72
C LEU A 295 11.31 -28.67 -5.58
N ALA A 296 10.07 -28.88 -5.14
CA ALA A 296 9.50 -28.11 -4.04
C ALA A 296 10.37 -28.20 -2.79
N LYS A 297 10.76 -29.42 -2.47
CA LYS A 297 11.64 -29.70 -1.34
C LYS A 297 12.97 -29.03 -1.57
N LEU A 298 13.46 -29.10 -2.80
CA LEU A 298 14.72 -28.47 -3.09
C LEU A 298 14.58 -26.99 -2.73
N GLY A 299 13.52 -26.40 -3.22
CA GLY A 299 13.26 -24.99 -3.01
C GLY A 299 13.00 -24.54 -1.60
N ARG A 300 12.31 -25.35 -0.83
CA ARG A 300 12.10 -25.09 0.57
C ARG A 300 13.37 -25.07 1.39
N LYS A 301 14.46 -25.55 0.80
CA LYS A 301 15.71 -25.64 1.51
C LYS A 301 16.51 -24.37 1.35
N ILE A 302 16.04 -23.46 0.49
CA ILE A 302 16.86 -22.31 0.16
C ILE A 302 16.32 -21.03 0.72
N GLU A 303 15.02 -20.96 0.92
CA GLU A 303 14.57 -20.01 1.88
C GLU A 303 15.06 -20.52 3.22
N ALA A 304 14.78 -21.77 3.58
CA ALA A 304 15.18 -22.32 4.86
C ALA A 304 16.65 -22.00 5.12
N TYR A 305 17.53 -22.26 4.17
CA TYR A 305 18.87 -21.68 4.26
C TYR A 305 18.81 -20.12 4.28
N PHE A 306 18.10 -19.50 3.33
CA PHE A 306 18.08 -18.01 3.16
C PHE A 306 17.19 -17.18 4.13
N GLY A 307 16.20 -17.85 4.69
CA GLY A 307 15.38 -17.28 5.73
C GLY A 307 14.19 -16.42 5.34
N LYS A 308 14.09 -16.07 4.06
CA LYS A 308 12.92 -15.40 3.59
C LYS A 308 12.56 -16.05 2.28
N PRO A 309 11.30 -15.93 1.83
CA PRO A 309 11.00 -16.57 0.55
C PRO A 309 11.89 -16.15 -0.59
N GLN A 310 12.09 -17.05 -1.55
CA GLN A 310 13.05 -16.80 -2.61
C GLN A 310 12.51 -17.06 -4.01
N ASP A 311 13.22 -16.50 -4.98
CA ASP A 311 12.91 -16.60 -6.39
C ASP A 311 14.10 -17.35 -7.00
N ILE A 312 13.84 -18.55 -7.50
CA ILE A 312 14.90 -19.48 -7.88
C ILE A 312 14.79 -20.01 -9.31
N GLU A 313 15.89 -19.93 -10.07
CA GLU A 313 15.94 -20.51 -11.41
C GLU A 313 16.56 -21.89 -11.37
N TRP A 314 16.04 -22.80 -12.20
CA TRP A 314 16.49 -24.18 -12.15
C TRP A 314 16.57 -24.86 -13.50
N CYS A 315 17.32 -25.95 -13.53
CA CYS A 315 17.43 -26.78 -14.72
C CYS A 315 17.25 -28.25 -14.37
N LEU A 316 16.55 -28.98 -15.23
CA LEU A 316 16.48 -30.43 -15.08
C LEU A 316 17.23 -31.10 -16.23
N ALA A 317 18.33 -31.77 -15.91
CA ALA A 317 19.11 -32.53 -16.89
C ALA A 317 19.39 -33.96 -16.42
N GLU A 318 18.91 -34.93 -17.21
CA GLU A 318 19.09 -36.34 -16.91
C GLU A 318 18.68 -36.65 -15.47
N GLY A 319 17.50 -36.17 -15.09
CA GLY A 319 16.91 -36.44 -13.80
C GLY A 319 17.48 -35.62 -12.64
N ALA A 320 18.51 -34.84 -12.91
CA ALA A 320 19.17 -34.04 -11.88
C ALA A 320 18.77 -32.57 -11.97
N PHE A 321 18.45 -31.99 -10.83
CA PHE A 321 18.10 -30.57 -10.74
C PHE A 321 19.33 -29.71 -10.48
N TYR A 322 19.50 -28.68 -11.30
CA TYR A 322 20.58 -27.72 -11.14
C TYR A 322 20.03 -26.33 -10.84
N ILE A 323 20.66 -25.66 -9.88
CA ILE A 323 20.23 -24.33 -9.45
C ILE A 323 21.13 -23.31 -10.11
N VAL A 324 20.51 -22.31 -10.73
CA VAL A 324 21.22 -21.48 -11.67
C VAL A 324 21.02 -20.02 -11.33
N GLN A 325 20.05 -19.75 -10.47
CA GLN A 325 19.91 -18.43 -9.86
C GLN A 325 19.04 -18.46 -8.60
N SER A 326 19.39 -17.66 -7.61
CA SER A 326 18.49 -17.45 -6.50
C SER A 326 18.54 -16.01 -6.14
N ARG A 327 17.47 -15.53 -5.53
CA ARG A 327 17.23 -14.11 -5.39
C ARG A 327 16.01 -13.87 -4.50
N PRO A 328 16.15 -13.03 -3.48
CA PRO A 328 15.07 -12.72 -2.54
C PRO A 328 13.81 -12.27 -3.25
N ILE A 329 12.65 -12.70 -2.76
CA ILE A 329 11.35 -12.18 -3.23
C ILE A 329 11.11 -10.75 -2.68
N THR A 330 10.21 -9.98 -3.29
CA THR A 330 10.07 -8.58 -2.97
C THR A 330 8.58 -7.93 -2.87
N THR A 331 7.52 -8.79 -2.94
CA THR A 331 6.16 -8.32 -3.13
C THR A 331 5.13 -8.70 -1.96
N LEU A 332 5.51 -9.59 -1.04
CA LEU A 332 4.44 -10.19 -0.26
C LEU A 332 4.04 -9.25 0.84
N TYR A 333 2.83 -9.39 1.35
CA TYR A 333 2.42 -8.56 2.48
C TYR A 333 2.93 -9.17 3.77
N PRO A 334 3.77 -8.45 4.52
CA PRO A 334 4.38 -8.96 5.74
C PRO A 334 3.38 -9.51 6.75
N ILE A 335 3.91 -10.33 7.65
CA ILE A 335 3.16 -10.96 8.70
C ILE A 335 3.42 -10.22 10.00
N PRO A 336 2.39 -10.06 10.83
CA PRO A 336 2.55 -9.54 12.18
C PRO A 336 3.57 -10.29 13.03
N GLU A 337 4.41 -9.57 13.78
CA GLU A 337 5.31 -10.14 14.78
C GLU A 337 4.57 -10.50 16.01
N VAL A 338 4.01 -11.69 15.93
CA VAL A 338 3.19 -12.09 17.00
C VAL A 338 3.92 -12.92 17.97
N ASN A 339 3.60 -12.70 19.22
CA ASN A 339 4.24 -13.37 20.34
C ASN A 339 3.33 -14.47 20.86
N GLU A 340 2.45 -14.92 19.99
CA GLU A 340 1.50 -15.94 20.31
C GLU A 340 1.84 -17.15 19.51
N PRO A 341 1.28 -18.29 19.92
CA PRO A 341 1.61 -19.55 19.26
C PRO A 341 0.45 -20.13 18.50
N GLY A 342 0.76 -20.81 17.41
CA GLY A 342 -0.27 -21.41 16.61
C GLY A 342 -0.81 -20.54 15.54
N ASN A 343 -1.75 -21.05 14.80
CA ASN A 343 -2.32 -20.33 13.71
C ASN A 343 -3.12 -19.12 14.10
N ARG A 344 -2.80 -17.99 13.51
CA ARG A 344 -3.46 -16.73 13.86
C ARG A 344 -4.24 -16.12 12.69
N VAL A 345 -5.34 -15.44 12.99
CA VAL A 345 -6.09 -14.70 12.01
C VAL A 345 -6.18 -13.22 12.42
N TYR A 346 -5.78 -12.33 11.53
CA TYR A 346 -5.85 -10.91 11.81
C TYR A 346 -6.89 -10.21 10.95
N ILE A 347 -7.55 -9.27 11.58
CA ILE A 347 -8.50 -8.40 10.93
C ILE A 347 -7.91 -7.02 10.62
N SER A 348 -8.29 -6.44 9.49
CA SER A 348 -7.62 -5.21 9.11
C SER A 348 -8.21 -3.93 9.69
N VAL A 349 -7.41 -3.17 10.40
CA VAL A 349 -7.90 -1.90 10.94
C VAL A 349 -8.20 -0.89 9.83
N ALA A 350 -7.39 -0.92 8.78
CA ALA A 350 -7.53 0.01 7.69
C ALA A 350 -8.94 0.01 7.14
N HIS A 351 -9.52 -1.16 6.97
CA HIS A 351 -10.82 -1.17 6.34
C HIS A 351 -11.91 -0.55 7.13
N GLN A 352 -11.82 -0.62 8.45
CA GLN A 352 -12.89 -0.11 9.28
C GLN A 352 -12.68 1.38 9.52
N GLN A 353 -11.44 1.82 9.39
CA GLN A 353 -11.14 3.20 9.66
C GLN A 353 -11.20 4.03 8.41
N MET A 354 -11.48 3.38 7.30
CA MET A 354 -11.32 4.03 6.01
C MET A 354 -9.96 4.66 5.90
N MET A 355 -8.88 3.91 5.93
CA MET A 355 -7.59 4.54 5.72
C MET A 355 -6.74 3.80 4.68
N THR A 356 -6.22 2.63 4.99
CA THR A 356 -5.43 1.94 3.96
C THR A 356 -4.19 2.69 3.44
N ASP A 357 -3.77 3.79 4.02
CA ASP A 357 -2.49 4.34 3.62
C ASP A 357 -1.45 3.79 4.56
N ALA A 358 -0.22 3.56 4.09
CA ALA A 358 0.80 3.09 5.00
C ALA A 358 1.06 4.16 6.06
N MET A 359 1.38 3.73 7.27
CA MET A 359 1.68 4.66 8.32
C MET A 359 3.18 4.56 8.73
N LYS A 360 3.75 5.66 9.24
CA LYS A 360 5.13 5.63 9.72
C LYS A 360 5.14 5.07 11.12
N PRO A 361 6.27 4.50 11.55
CA PRO A 361 6.29 3.92 12.89
C PRO A 361 5.90 4.86 14.03
N LEU A 362 6.35 6.11 14.05
CA LEU A 362 5.98 6.95 15.18
C LEU A 362 4.48 7.04 15.23
N GLY A 363 3.86 7.21 14.07
CA GLY A 363 2.43 7.30 14.02
C GLY A 363 1.76 5.97 14.32
N LEU A 364 2.36 4.89 13.83
CA LEU A 364 1.93 3.54 14.13
C LEU A 364 1.93 3.30 15.62
N SER A 365 2.96 3.76 16.30
CA SER A 365 3.03 3.43 17.71
C SER A 365 1.99 4.17 18.50
N PHE A 366 1.74 5.43 18.20
CA PHE A 366 0.76 6.18 18.97
C PHE A 366 -0.63 5.62 18.87
N TYR A 367 -0.94 4.88 17.82
CA TYR A 367 -2.25 4.26 17.75
C TYR A 367 -2.24 3.04 18.61
N LEU A 368 -1.12 2.34 18.60
CA LEU A 368 -1.02 1.17 19.42
C LEU A 368 -1.05 1.57 20.89
N MET A 369 -0.43 2.69 21.23
CA MET A 369 -0.31 3.05 22.63
C MET A 369 -1.65 3.52 23.13
N THR A 370 -2.62 3.74 22.24
CA THR A 370 -3.94 4.16 22.70
C THR A 370 -5.08 3.14 22.53
N THR A 371 -4.82 1.92 22.13
CA THR A 371 -5.91 0.99 21.99
C THR A 371 -5.88 -0.22 22.97
N PRO A 372 -7.07 -0.63 23.46
CA PRO A 372 -7.13 -1.77 24.33
C PRO A 372 -7.44 -3.02 23.53
N ALA A 373 -7.20 -2.96 22.24
CA ALA A 373 -7.39 -4.12 21.39
C ALA A 373 -6.07 -4.79 21.30
N THR A 374 -6.04 -6.02 20.79
CA THR A 374 -4.76 -6.67 20.60
C THR A 374 -4.27 -6.34 19.21
N MET A 375 -3.81 -5.12 18.99
CA MET A 375 -3.48 -4.69 17.64
C MET A 375 -2.05 -5.01 17.40
N TYR A 376 -1.74 -5.43 16.19
CA TYR A 376 -0.35 -5.60 15.79
C TYR A 376 -0.13 -4.86 14.47
N THR A 377 1.09 -4.94 13.93
CA THR A 377 1.51 -4.19 12.74
C THR A 377 2.11 -5.07 11.69
N ALA A 378 1.75 -4.81 10.43
CA ALA A 378 2.39 -5.47 9.30
C ALA A 378 2.32 -4.60 8.05
N GLY A 379 3.45 -4.12 7.60
CA GLY A 379 3.45 -3.35 6.37
C GLY A 379 2.85 -1.99 6.64
N GLY A 380 3.32 -1.32 7.67
CA GLY A 380 2.92 0.04 7.88
C GLY A 380 1.47 0.26 8.21
N ARG A 381 0.70 -0.80 8.40
CA ARG A 381 -0.67 -0.61 8.85
C ARG A 381 -0.97 -1.55 9.99
N LEU A 382 -2.17 -1.44 10.56
CA LEU A 382 -2.51 -2.09 11.83
C LEU A 382 -3.50 -3.24 11.68
N PHE A 383 -3.26 -4.37 12.35
CA PHE A 383 -4.20 -5.48 12.33
C PHE A 383 -4.64 -5.85 13.71
N VAL A 384 -5.86 -6.36 13.88
CA VAL A 384 -6.27 -6.83 15.19
C VAL A 384 -6.23 -8.33 15.22
N ASP A 385 -5.64 -8.90 16.27
CA ASP A 385 -5.48 -10.35 16.44
C ASP A 385 -6.68 -10.97 17.10
N ILE A 386 -7.52 -11.66 16.37
CA ILE A 386 -8.73 -12.14 17.00
C ILE A 386 -8.95 -13.62 16.86
N THR A 387 -7.96 -14.39 17.22
CA THR A 387 -8.06 -15.82 17.02
C THR A 387 -8.62 -16.52 18.26
N GLN A 388 -8.22 -16.07 19.45
CA GLN A 388 -8.65 -16.72 20.68
C GLN A 388 -10.13 -16.53 20.82
N SER A 389 -10.62 -15.44 20.26
CA SER A 389 -12.04 -15.20 20.24
C SER A 389 -12.66 -16.30 19.38
N LEU A 390 -12.00 -16.58 18.26
CA LEU A 390 -12.56 -17.46 17.26
C LEU A 390 -12.64 -18.90 17.70
N SER A 391 -11.70 -19.29 18.56
CA SER A 391 -11.51 -20.67 18.92
C SER A 391 -12.60 -21.17 19.86
N ALA A 392 -13.02 -20.33 20.78
CA ALA A 392 -13.96 -20.72 21.81
C ALA A 392 -15.31 -21.07 21.23
N LYS A 393 -16.06 -21.84 21.99
CA LYS A 393 -17.44 -22.18 21.68
C LYS A 393 -18.35 -21.00 22.04
N VAL A 394 -19.12 -20.54 21.04
CA VAL A 394 -20.16 -19.49 21.15
C VAL A 394 -19.61 -18.08 21.31
N SER A 395 -18.31 -17.92 21.15
CA SER A 395 -17.79 -16.57 21.02
C SER A 395 -17.12 -16.40 19.70
N ARG A 396 -17.82 -16.77 18.65
CA ARG A 396 -17.13 -16.82 17.41
C ARG A 396 -17.89 -16.29 16.19
N ASP A 397 -19.19 -16.50 15.92
CA ASP A 397 -20.26 -17.12 16.68
C ASP A 397 -20.69 -16.21 17.86
N MET A 398 -20.05 -15.06 17.89
CA MET A 398 -20.53 -13.95 18.64
C MET A 398 -20.05 -13.20 17.47
N MET A 399 -18.74 -13.11 17.44
CA MET A 399 -18.04 -12.16 16.65
C MET A 399 -18.41 -12.19 15.18
N VAL A 400 -18.58 -13.36 14.56
CA VAL A 400 -18.81 -13.34 13.11
C VAL A 400 -20.15 -12.72 12.74
N ASN A 401 -21.16 -12.85 13.59
CA ASN A 401 -22.44 -12.25 13.28
C ASN A 401 -22.33 -10.76 13.52
N SER A 402 -21.66 -10.41 14.61
CA SER A 402 -21.47 -9.03 15.00
C SER A 402 -20.61 -8.24 14.04
N LEU A 403 -19.47 -8.79 13.66
CA LEU A 403 -18.69 -8.24 12.56
C LEU A 403 -19.34 -8.30 11.18
N GLY A 404 -20.57 -8.79 11.10
CA GLY A 404 -21.20 -8.93 9.82
C GLY A 404 -22.25 -7.85 9.74
N GLN A 405 -22.35 -7.07 10.80
CA GLN A 405 -23.31 -5.98 10.85
C GLN A 405 -22.58 -4.69 10.60
N SER A 406 -21.36 -4.80 10.14
CA SER A 406 -20.59 -3.65 9.70
C SER A 406 -19.95 -3.96 8.37
N ASP A 407 -19.76 -5.25 8.06
CA ASP A 407 -18.99 -5.63 6.88
C ASP A 407 -19.15 -7.10 6.50
N PRO A 408 -20.17 -7.44 5.67
CA PRO A 408 -20.47 -8.77 5.11
C PRO A 408 -19.28 -9.56 4.61
N LEU A 409 -18.32 -8.87 4.01
CA LEU A 409 -17.17 -9.57 3.47
C LEU A 409 -16.32 -10.08 4.60
N ILE A 410 -16.30 -9.37 5.71
CA ILE A 410 -15.60 -9.89 6.88
C ILE A 410 -16.25 -11.19 7.33
N LYS A 411 -17.57 -11.21 7.38
CA LYS A 411 -18.26 -12.40 7.82
C LYS A 411 -17.94 -13.49 6.84
N ASP A 412 -18.04 -13.15 5.56
CA ASP A 412 -17.67 -14.12 4.53
C ASP A 412 -16.21 -14.59 4.66
N ALA A 413 -15.31 -13.67 4.94
CA ALA A 413 -13.90 -13.99 5.03
C ALA A 413 -13.62 -14.89 6.22
N LEU A 414 -14.48 -14.84 7.22
CA LEU A 414 -14.25 -15.64 8.41
C LEU A 414 -14.78 -17.05 8.22
N LEU A 415 -15.96 -17.17 7.63
CA LEU A 415 -16.42 -18.49 7.26
C LEU A 415 -15.36 -19.19 6.41
N THR A 416 -14.75 -18.48 5.49
CA THR A 416 -13.82 -19.13 4.61
C THR A 416 -12.60 -19.59 5.38
N VAL A 417 -12.29 -18.92 6.50
CA VAL A 417 -11.09 -19.24 7.28
C VAL A 417 -11.37 -20.29 8.34
N ILE A 418 -12.63 -20.50 8.70
CA ILE A 418 -12.93 -21.55 9.66
C ILE A 418 -13.12 -22.86 8.94
N ASN A 419 -12.78 -22.92 7.66
CA ASN A 419 -12.87 -24.19 6.93
C ASN A 419 -11.52 -24.62 6.39
N LYS A 420 -10.51 -24.70 7.23
CA LYS A 420 -9.20 -24.89 6.64
C LYS A 420 -8.47 -26.19 7.04
N LYS A 421 -7.14 -26.23 6.90
CA LYS A 421 -6.35 -27.35 7.40
C LYS A 421 -6.44 -27.31 8.92
N GLY A 422 -7.63 -27.64 9.44
CA GLY A 422 -7.91 -27.45 10.84
C GLY A 422 -7.45 -26.15 11.47
N PHE A 423 -7.37 -25.09 10.66
CA PHE A 423 -6.83 -23.81 11.08
C PHE A 423 -7.39 -23.54 12.48
N LEU A 424 -8.65 -23.94 12.60
CA LEU A 424 -9.46 -23.88 13.81
C LEU A 424 -9.67 -25.26 14.41
N PRO A 425 -9.40 -25.41 15.72
CA PRO A 425 -9.67 -26.78 16.17
C PRO A 425 -10.97 -26.92 16.98
N SER A 446 -29.88 1.95 28.11
CA SER A 446 -28.68 2.50 28.74
C SER A 446 -28.41 3.95 28.28
N ILE A 447 -29.34 4.48 27.48
CA ILE A 447 -29.30 5.81 26.88
C ILE A 447 -29.03 6.90 27.88
N PRO A 448 -28.06 7.78 27.59
CA PRO A 448 -27.80 8.83 28.57
C PRO A 448 -28.74 9.98 28.41
N ASP A 449 -28.48 11.04 29.17
CA ASP A 449 -29.35 12.18 29.20
C ASP A 449 -29.24 13.01 27.90
N SER A 450 -30.28 13.75 27.56
CA SER A 450 -30.17 14.78 26.53
C SER A 450 -28.93 15.63 26.76
N SER A 451 -28.80 16.11 28.00
CA SER A 451 -27.72 17.02 28.40
C SER A 451 -26.40 16.30 28.47
N SER A 452 -26.39 15.02 28.15
CA SER A 452 -25.14 14.25 28.14
C SER A 452 -24.12 14.83 27.19
N VAL A 453 -24.52 15.06 25.96
CA VAL A 453 -23.60 15.30 24.87
C VAL A 453 -22.79 16.60 24.98
N PHE A 454 -23.36 17.65 25.53
CA PHE A 454 -22.69 18.93 25.45
C PHE A 454 -21.69 19.01 26.58
N GLU A 455 -21.91 18.16 27.57
CA GLU A 455 -21.00 18.10 28.67
C GLU A 455 -19.86 17.24 28.22
N LEU A 456 -20.16 16.15 27.52
CA LEU A 456 -19.14 15.35 26.92
C LEU A 456 -18.26 16.17 26.01
N VAL A 457 -18.85 17.06 25.24
CA VAL A 457 -18.07 17.76 24.26
C VAL A 457 -17.27 18.79 24.96
N ARG A 458 -17.85 19.49 25.91
CA ARG A 458 -17.10 20.60 26.47
C ARG A 458 -16.07 19.99 27.42
N ASN A 459 -16.40 18.91 28.11
CA ASN A 459 -15.37 18.29 28.94
C ASN A 459 -14.18 17.82 28.12
N SER A 460 -14.32 17.73 26.82
CA SER A 460 -13.20 17.34 26.01
C SER A 460 -12.48 18.62 25.65
N GLU A 461 -13.28 19.61 25.25
CA GLU A 461 -12.74 20.89 24.82
C GLU A 461 -11.78 21.46 25.84
N ASN A 462 -12.12 21.30 27.12
CA ASN A 462 -11.33 21.79 28.24
C ASN A 462 -10.14 20.91 28.57
N SER A 463 -10.36 19.62 28.56
CA SER A 463 -9.30 18.68 28.75
C SER A 463 -8.20 18.96 27.77
N ILE A 464 -8.56 19.47 26.60
CA ILE A 464 -7.55 19.79 25.60
C ILE A 464 -6.96 21.14 25.85
N LYS A 465 -7.75 22.02 26.44
CA LYS A 465 -7.30 23.33 26.74
C LYS A 465 -6.17 23.23 27.74
N HIS A 466 -6.37 22.39 28.76
CA HIS A 466 -5.35 22.17 29.77
C HIS A 466 -4.09 21.67 29.11
N LEU A 467 -4.25 20.57 28.39
CA LEU A 467 -3.19 19.99 27.58
C LEU A 467 -2.40 21.03 26.83
N LYS A 468 -3.05 21.89 26.07
CA LYS A 468 -2.30 22.79 25.22
C LYS A 468 -1.29 23.60 26.00
N GLN A 469 -1.54 23.76 27.29
CA GLN A 469 -0.71 24.61 28.12
C GLN A 469 0.38 23.83 28.82
N SER A 470 0.06 22.62 29.22
CA SER A 470 1.01 21.89 29.98
C SER A 470 2.15 21.34 29.17
N ILE A 471 2.04 21.23 27.85
CA ILE A 471 3.20 20.75 27.10
C ILE A 471 4.15 21.88 26.78
N GLU A 472 3.66 23.11 26.73
CA GLU A 472 4.52 24.22 26.39
C GLU A 472 5.47 24.54 27.53
N THR A 473 5.64 23.57 28.41
CA THR A 473 6.48 23.71 29.55
C THR A 473 7.40 22.50 29.60
N LYS A 474 6.91 21.40 29.06
CA LYS A 474 7.67 20.19 29.05
C LYS A 474 8.60 20.26 27.86
N SER A 475 9.65 19.44 27.89
CA SER A 475 10.67 19.36 26.85
C SER A 475 11.63 18.21 27.14
N GLY A 476 12.39 17.79 26.14
CA GLY A 476 13.33 16.70 26.36
C GLY A 476 12.66 15.44 26.86
N SER A 477 13.27 14.75 27.83
CA SER A 477 12.71 13.52 28.35
C SER A 477 11.56 13.79 29.28
N ASP A 478 11.34 15.05 29.60
CA ASP A 478 10.18 15.43 30.38
C ASP A 478 8.96 15.36 29.50
N LEU A 479 9.15 15.80 28.27
CA LEU A 479 8.10 15.72 27.27
C LEU A 479 7.60 14.30 27.17
N PHE A 480 8.51 13.37 26.97
CA PHE A 480 8.10 12.00 26.78
C PHE A 480 7.41 11.45 28.00
N ASP A 481 7.93 11.77 29.17
CA ASP A 481 7.38 11.33 30.44
C ASP A 481 5.94 11.80 30.60
N PHE A 482 5.68 13.00 30.11
CA PHE A 482 4.36 13.61 30.20
C PHE A 482 3.37 13.03 29.21
N ILE A 483 3.78 12.86 27.96
CA ILE A 483 2.90 12.29 26.97
C ILE A 483 2.28 11.00 27.48
N VAL A 484 3.02 10.23 28.25
CA VAL A 484 2.44 8.99 28.73
C VAL A 484 1.41 9.19 29.77
N GLU A 485 1.53 10.21 30.59
CA GLU A 485 0.47 10.41 31.54
C GLU A 485 -0.73 10.84 30.76
N ASP A 486 -0.49 11.56 29.65
CA ASP A 486 -1.58 12.18 28.93
C ASP A 486 -2.25 11.17 28.09
N LEU A 487 -1.52 10.19 27.62
CA LEU A 487 -2.20 9.10 26.98
C LEU A 487 -3.27 8.55 27.90
N GLU A 488 -3.06 8.58 29.20
CA GLU A 488 -4.06 8.00 30.09
C GLU A 488 -5.31 8.86 30.06
N GLU A 489 -5.11 10.16 29.92
CA GLU A 489 -6.22 11.10 29.87
C GLU A 489 -6.93 11.03 28.53
N LEU A 490 -6.15 10.86 27.46
CA LEU A 490 -6.72 10.62 26.14
C LEU A 490 -7.66 9.47 26.27
N LYS A 491 -7.16 8.31 26.64
CA LYS A 491 -8.01 7.15 26.82
C LYS A 491 -9.22 7.48 27.67
N ARG A 492 -9.06 8.32 28.68
CA ARG A 492 -10.19 8.60 29.54
C ARG A 492 -11.31 9.35 28.89
N VAL A 493 -11.04 10.35 28.05
CA VAL A 493 -12.18 11.02 27.38
C VAL A 493 -12.68 10.23 26.20
N LEU A 494 -11.78 9.47 25.57
CA LEU A 494 -12.11 8.68 24.41
C LEU A 494 -13.05 7.55 24.74
N PHE A 495 -12.73 6.81 25.79
CA PHE A 495 -13.44 5.62 26.24
C PHE A 495 -14.36 5.77 27.46
N ASN A 496 -14.59 7.00 27.91
CA ASN A 496 -15.61 7.29 28.90
C ASN A 496 -16.88 6.49 28.65
N PRO A 497 -17.32 5.68 29.62
CA PRO A 497 -18.51 4.85 29.52
C PRO A 497 -19.72 5.65 29.11
N THR A 498 -19.77 6.91 29.50
CA THR A 498 -20.89 7.76 29.20
C THR A 498 -20.86 8.17 27.74
N SER A 499 -19.65 8.44 27.24
CA SER A 499 -19.41 8.73 25.82
C SER A 499 -19.89 7.57 24.98
N ILE A 500 -19.37 6.37 25.24
CA ILE A 500 -19.78 5.18 24.52
C ILE A 500 -21.27 4.96 24.55
N ASP A 501 -21.89 5.19 25.71
CA ASP A 501 -23.33 5.00 25.81
C ASP A 501 -24.02 6.00 24.91
N ALA A 502 -23.45 7.19 24.81
CA ALA A 502 -23.99 8.20 23.91
C ALA A 502 -23.74 7.85 22.46
N ILE A 503 -22.60 7.22 22.19
CA ILE A 503 -22.28 6.84 20.82
C ILE A 503 -23.24 5.79 20.30
N MET A 504 -23.34 4.66 20.99
CA MET A 504 -24.22 3.57 20.61
C MET A 504 -25.67 3.98 20.51
N ALA A 505 -26.07 4.93 21.36
CA ALA A 505 -27.45 5.40 21.38
C ALA A 505 -27.91 5.76 19.99
N GLY A 506 -27.01 6.32 19.20
CA GLY A 506 -27.35 6.70 17.85
C GLY A 506 -27.42 5.48 16.96
N MET A 507 -26.37 4.65 17.03
CA MET A 507 -26.26 3.44 16.24
C MET A 507 -27.45 2.52 16.52
N ASP A 508 -27.50 1.96 17.71
CA ASP A 508 -28.65 1.20 18.18
C ASP A 508 -30.00 1.73 17.72
N ALA A 509 -30.18 3.05 17.68
CA ALA A 509 -31.50 3.56 17.37
C ALA A 509 -31.79 3.51 15.88
N SER A 510 -30.76 3.57 15.06
CA SER A 510 -31.00 3.49 13.65
C SER A 510 -30.89 2.04 13.26
N ALA A 511 -30.51 1.21 14.21
CA ALA A 511 -30.56 -0.20 13.99
C ALA A 511 -32.01 -0.57 14.06
N TRP A 512 -32.59 -0.16 15.16
CA TRP A 512 -33.96 -0.41 15.49
C TRP A 512 -34.90 0.05 14.40
N LEU A 513 -34.78 1.31 14.01
CA LEU A 513 -35.64 1.92 13.02
C LEU A 513 -35.53 1.24 11.66
N ASN A 514 -34.33 0.91 11.25
CA ASN A 514 -34.15 0.25 9.97
C ASN A 514 -34.74 -1.14 9.92
N GLU A 515 -34.60 -1.87 11.01
CA GLU A 515 -35.09 -3.24 11.08
C GLU A 515 -36.58 -3.24 11.23
N HIS A 516 -37.11 -2.34 12.02
CA HIS A 516 -38.53 -2.42 12.32
C HIS A 516 -39.41 -1.77 11.28
N ILE A 517 -38.99 -0.64 10.73
CA ILE A 517 -39.83 0.00 9.76
C ILE A 517 -39.77 -0.79 8.43
N TYR A 518 -38.69 -1.55 8.17
CA TYR A 518 -38.75 -2.50 7.06
C TYR A 518 -39.69 -3.61 7.42
N GLN A 519 -39.82 -3.93 8.70
CA GLN A 519 -40.69 -5.04 9.00
C GLN A 519 -42.15 -4.68 8.82
N TRP A 520 -42.55 -3.46 9.19
CA TRP A 520 -43.95 -3.06 9.18
C TRP A 520 -44.38 -2.37 7.92
N LEU A 521 -43.87 -1.16 7.74
CA LEU A 521 -44.15 -0.37 6.56
C LEU A 521 -43.58 -1.06 5.37
N GLY A 522 -42.59 -1.89 5.62
CA GLY A 522 -41.96 -2.64 4.56
C GLY A 522 -41.16 -1.69 3.74
N GLU A 523 -40.53 -2.20 2.70
CA GLU A 523 -39.68 -1.40 1.80
C GLU A 523 -38.85 -0.23 2.37
N LYS A 524 -38.22 -0.39 3.53
CA LYS A 524 -37.50 0.76 4.05
C LYS A 524 -36.11 0.52 4.67
N ASN A 525 -35.12 1.30 4.21
CA ASN A 525 -33.87 1.56 4.97
C ASN A 525 -33.90 2.96 5.58
N VAL A 526 -34.81 3.18 6.52
CA VAL A 526 -35.35 4.52 6.73
C VAL A 526 -34.47 5.48 7.46
N ALA A 527 -33.55 4.95 8.26
CA ALA A 527 -32.76 5.80 9.12
C ALA A 527 -31.78 6.66 8.33
N ASP A 528 -31.47 6.26 7.09
CA ASP A 528 -30.73 7.11 6.17
C ASP A 528 -31.41 8.46 6.04
N LYS A 529 -32.64 8.49 5.58
CA LYS A 529 -33.27 9.81 5.40
C LYS A 529 -33.59 10.47 6.71
N LEU A 530 -33.74 9.72 7.78
CA LEU A 530 -34.03 10.33 9.06
C LEU A 530 -32.82 10.98 9.67
N SER A 531 -31.64 10.53 9.25
CA SER A 531 -30.40 11.05 9.78
C SER A 531 -30.02 12.31 9.06
N GLU A 532 -30.72 12.65 7.97
CA GLU A 532 -30.28 13.73 7.12
C GLU A 532 -30.24 15.03 7.88
N SER A 533 -29.24 15.85 7.59
CA SER A 533 -28.95 17.07 8.31
C SER A 533 -29.03 16.99 9.84
N ALA A 534 -28.58 15.88 10.44
CA ALA A 534 -28.53 15.73 11.89
C ALA A 534 -27.75 16.84 12.54
N PRO A 535 -28.08 17.18 13.78
CA PRO A 535 -27.41 18.35 14.30
C PRO A 535 -26.14 17.99 15.03
N ASN A 536 -25.21 18.93 15.13
CA ASN A 536 -24.01 18.79 15.92
C ASN A 536 -23.08 17.71 15.45
N ASN A 537 -22.83 17.65 14.16
CA ASN A 537 -21.91 16.66 13.67
C ASN A 537 -20.56 17.25 13.28
N ILE A 538 -19.59 17.30 14.19
CA ILE A 538 -18.43 18.17 13.96
C ILE A 538 -17.73 17.94 12.63
N THR A 539 -18.08 16.88 11.94
CA THR A 539 -17.36 16.57 10.72
C THR A 539 -18.24 16.92 9.54
N SER A 540 -19.53 16.99 9.75
CA SER A 540 -20.38 17.37 8.66
C SER A 540 -20.33 18.86 8.64
N GLN A 541 -20.11 19.49 9.79
CA GLN A 541 -20.02 20.94 9.84
C GLN A 541 -18.79 21.39 9.09
N MET A 542 -17.72 20.63 9.24
CA MET A 542 -16.44 20.95 8.63
C MET A 542 -16.59 21.11 7.12
N GLY A 543 -17.18 20.15 6.45
CA GLY A 543 -17.20 20.17 5.01
C GLY A 543 -18.16 21.24 4.57
N LEU A 544 -19.08 21.57 5.45
CA LEU A 544 -20.14 22.46 5.08
C LEU A 544 -19.71 23.89 5.40
N GLU A 545 -18.70 24.05 6.24
CA GLU A 545 -18.28 25.38 6.61
C GLU A 545 -17.36 25.94 5.54
N LEU A 546 -16.65 25.07 4.84
CA LEU A 546 -15.84 25.48 3.71
C LEU A 546 -16.69 26.13 2.63
N LEU A 547 -18.00 25.98 2.72
CA LEU A 547 -18.89 26.58 1.74
C LEU A 547 -18.94 28.05 2.06
N ASP A 548 -18.99 28.35 3.35
CA ASP A 548 -18.96 29.72 3.82
C ASP A 548 -17.62 30.41 3.62
N VAL A 549 -16.51 29.69 3.73
CA VAL A 549 -15.24 30.38 3.62
C VAL A 549 -15.07 30.71 2.16
N ALA A 550 -15.79 30.02 1.30
CA ALA A 550 -15.67 30.38 -0.08
C ALA A 550 -16.58 31.55 -0.39
N ASP A 551 -17.59 31.79 0.45
CA ASP A 551 -18.53 32.87 0.23
C ASP A 551 -17.87 34.17 0.51
N VAL A 552 -16.76 34.08 1.24
CA VAL A 552 -15.95 35.24 1.61
C VAL A 552 -14.98 35.59 0.50
N ILE A 553 -14.42 34.58 -0.14
CA ILE A 553 -13.49 34.78 -1.23
C ILE A 553 -14.20 35.25 -2.48
N ARG A 554 -15.46 34.88 -2.65
CA ARG A 554 -16.13 35.12 -3.92
C ARG A 554 -16.16 36.56 -4.42
N PRO A 555 -16.38 37.54 -3.52
CA PRO A 555 -16.45 38.93 -3.98
C PRO A 555 -15.14 39.51 -4.51
N TYR A 556 -14.02 39.12 -3.92
CA TYR A 556 -12.73 39.71 -4.27
C TYR A 556 -12.02 38.93 -5.36
N PRO A 557 -11.93 39.52 -6.57
CA PRO A 557 -11.30 38.91 -7.74
C PRO A 557 -9.78 39.03 -7.74
N ALA A 558 -9.25 39.86 -6.85
CA ALA A 558 -7.82 39.93 -6.68
C ALA A 558 -7.30 38.64 -6.04
N VAL A 559 -7.89 38.25 -4.92
CA VAL A 559 -7.46 37.03 -4.26
C VAL A 559 -7.78 35.82 -5.12
N ARG A 560 -8.93 35.79 -5.78
CA ARG A 560 -9.33 34.61 -6.51
C ARG A 560 -8.37 34.28 -7.64
N ALA A 561 -7.63 35.27 -8.11
CA ALA A 561 -6.74 35.04 -9.21
C ALA A 561 -5.44 34.50 -8.66
N TYR A 562 -5.13 34.90 -7.44
CA TYR A 562 -3.88 34.52 -6.81
C TYR A 562 -4.05 33.07 -6.44
N LEU A 563 -5.15 32.79 -5.74
CA LEU A 563 -5.43 31.45 -5.25
C LEU A 563 -5.55 30.45 -6.38
N GLU A 564 -6.01 30.92 -7.54
CA GLU A 564 -6.17 30.08 -8.70
C GLU A 564 -4.87 29.61 -9.29
N GLN A 565 -3.79 30.33 -9.03
CA GLN A 565 -2.52 29.97 -9.63
C GLN A 565 -1.37 30.08 -8.62
N THR A 566 -1.27 29.20 -7.63
CA THR A 566 -0.28 29.37 -6.59
C THR A 566 0.19 28.07 -6.05
N LYS A 567 1.50 27.91 -5.94
CA LYS A 567 2.03 26.73 -5.32
C LYS A 567 2.81 27.12 -4.08
N ASN A 568 2.62 28.36 -3.65
CA ASN A 568 3.40 28.90 -2.56
C ASN A 568 2.83 28.44 -1.27
N PRO A 569 3.62 27.68 -0.50
CA PRO A 569 3.17 27.20 0.80
C PRO A 569 2.78 28.29 1.79
N ASP A 570 3.39 29.46 1.75
CA ASP A 570 2.89 30.47 2.69
C ASP A 570 2.20 31.57 1.92
N PHE A 571 1.41 31.16 0.93
CA PHE A 571 0.54 32.06 0.23
C PHE A 571 -0.32 32.84 1.18
N MET A 572 -0.49 32.37 2.41
CA MET A 572 -1.40 33.06 3.29
C MET A 572 -0.78 34.31 3.86
N ASN A 573 0.51 34.52 3.58
CA ASN A 573 1.16 35.70 4.07
C ASN A 573 1.41 36.68 2.96
N GLU A 574 0.90 36.35 1.79
CA GLU A 574 1.00 37.25 0.67
C GLU A 574 -0.36 37.85 0.37
N LEU A 575 -1.34 37.53 1.20
CA LEU A 575 -2.71 37.91 0.87
C LEU A 575 -2.97 39.36 1.20
N ALA A 576 -2.36 39.85 2.28
CA ALA A 576 -2.64 41.21 2.78
C ALA A 576 -2.35 42.29 1.75
N THR A 577 -1.59 41.92 0.72
CA THR A 577 -1.45 42.70 -0.49
C THR A 577 -2.75 43.06 -1.16
N LEU A 578 -3.52 42.05 -1.53
CA LEU A 578 -4.70 42.16 -2.36
C LEU A 578 -5.93 42.66 -1.64
N GLU A 579 -6.92 43.11 -2.39
CA GLU A 579 -8.05 43.80 -1.79
C GLU A 579 -8.84 42.85 -0.90
N GLY A 580 -8.95 41.62 -1.30
CA GLY A 580 -9.67 40.70 -0.45
C GLY A 580 -8.84 40.05 0.64
N GLY A 581 -7.52 40.11 0.51
CA GLY A 581 -6.63 39.31 1.31
C GLY A 581 -6.89 39.32 2.80
N ALA A 582 -7.03 40.49 3.37
CA ALA A 582 -7.12 40.58 4.80
C ALA A 582 -8.34 39.85 5.34
N GLU A 583 -9.46 40.10 4.66
CA GLU A 583 -10.74 39.45 4.92
C GLU A 583 -10.66 37.93 4.76
N THR A 584 -10.08 37.52 3.65
CA THR A 584 -9.82 36.14 3.30
C THR A 584 -8.97 35.39 4.32
N LYS A 585 -7.80 35.91 4.62
CA LYS A 585 -6.89 35.26 5.53
C LYS A 585 -7.58 35.00 6.86
N LYS A 586 -8.43 35.92 7.28
CA LYS A 586 -9.20 35.74 8.50
C LYS A 586 -10.16 34.57 8.39
N ALA A 587 -10.85 34.50 7.26
CA ALA A 587 -11.84 33.46 7.03
C ALA A 587 -11.17 32.13 7.12
N LEU A 588 -10.05 32.03 6.43
CA LEU A 588 -9.24 30.83 6.44
C LEU A 588 -8.66 30.50 7.81
N GLU A 589 -8.03 31.46 8.46
CA GLU A 589 -7.45 31.25 9.77
C GLU A 589 -8.46 30.66 10.75
N ASP A 590 -9.71 31.11 10.68
CA ASP A 590 -10.68 30.61 11.64
C ASP A 590 -11.10 29.19 11.36
N TYR A 591 -11.17 28.84 10.07
CA TYR A 591 -11.47 27.49 9.66
C TYR A 591 -10.36 26.59 10.12
N LEU A 592 -9.14 27.06 10.02
CA LEU A 592 -8.05 26.19 10.34
C LEU A 592 -7.92 26.04 11.83
N GLN A 593 -8.49 26.97 12.60
CA GLN A 593 -8.36 26.88 14.05
C GLN A 593 -9.40 25.93 14.51
N LYS A 594 -10.36 25.67 13.65
CA LYS A 594 -11.47 24.83 14.00
C LYS A 594 -11.24 23.45 13.49
N TYR A 595 -10.61 23.35 12.31
CA TYR A 595 -10.48 22.07 11.60
C TYR A 595 -9.06 21.80 11.13
N GLY A 596 -8.12 22.65 11.47
CA GLY A 596 -6.78 22.55 10.95
C GLY A 596 -5.99 21.34 11.37
N MET A 597 -6.38 20.74 12.48
CA MET A 597 -5.72 19.54 13.01
C MET A 597 -5.99 18.38 12.07
N ARG A 598 -7.24 18.32 11.60
CA ARG A 598 -7.68 17.25 10.71
C ARG A 598 -7.05 17.31 9.33
N CYS A 599 -6.65 16.13 8.86
CA CYS A 599 -6.04 15.96 7.55
C CYS A 599 -6.35 14.52 7.17
N ALA A 600 -6.20 14.18 5.91
CA ALA A 600 -6.40 12.80 5.51
C ALA A 600 -5.29 12.02 6.19
N GLY A 601 -5.62 10.88 6.79
CA GLY A 601 -4.62 10.10 7.46
C GLY A 601 -4.37 10.55 8.84
N GLU A 602 -5.31 11.23 9.45
CA GLU A 602 -5.13 11.79 10.77
C GLU A 602 -4.76 10.84 11.80
N ILE A 603 -5.14 9.60 11.67
CA ILE A 603 -4.83 8.60 12.66
C ILE A 603 -3.36 8.42 12.73
N ASP A 604 -2.66 8.83 11.69
CA ASP A 604 -1.20 8.76 11.65
C ASP A 604 -0.65 10.10 12.10
N LEU A 605 -0.06 10.10 13.27
CA LEU A 605 0.50 11.31 13.84
C LEU A 605 1.49 12.05 12.95
N THR A 606 2.08 11.33 11.99
CA THR A 606 3.24 11.84 11.24
C THR A 606 2.88 12.47 9.92
N LYS A 607 1.60 12.73 9.71
CA LYS A 607 1.15 13.16 8.40
C LYS A 607 0.82 14.63 8.45
N THR A 608 1.05 15.34 7.34
CA THR A 608 0.88 16.77 7.37
C THR A 608 -0.57 17.16 7.57
N ARG A 609 -0.80 17.90 8.65
CA ARG A 609 -2.10 18.42 9.02
C ARG A 609 -2.47 19.52 8.08
N TRP A 610 -3.72 19.91 8.05
CA TRP A 610 -4.12 20.90 7.08
C TRP A 610 -3.45 22.17 7.47
N ILE A 611 -3.48 22.50 8.75
CA ILE A 611 -2.96 23.78 9.16
C ILE A 611 -1.45 23.91 8.86
N GLU A 612 -0.77 22.79 8.66
CA GLU A 612 0.63 22.78 8.30
C GLU A 612 0.86 22.93 6.80
N ASN A 613 -0.21 22.85 6.04
CA ASN A 613 -0.13 22.96 4.60
C ASN A 613 -1.46 23.41 4.05
N PRO A 614 -1.79 24.67 4.29
CA PRO A 614 -3.10 25.21 3.97
C PRO A 614 -3.37 25.17 2.50
N LEU A 615 -2.33 25.03 1.70
CA LEU A 615 -2.47 25.09 0.27
C LEU A 615 -3.21 23.89 -0.25
N THR A 616 -3.39 22.89 0.58
CA THR A 616 -4.09 21.70 0.12
C THR A 616 -5.59 21.92 0.13
N LEU A 617 -6.07 22.89 0.89
CA LEU A 617 -7.49 23.17 0.88
C LEU A 617 -7.92 24.07 -0.26
N ILE A 618 -6.98 24.61 -1.02
CA ILE A 618 -7.37 25.66 -1.95
C ILE A 618 -8.20 25.10 -3.10
N PRO A 619 -7.76 24.01 -3.74
CA PRO A 619 -8.59 23.61 -4.86
C PRO A 619 -10.04 23.27 -4.48
N LEU A 620 -10.29 22.94 -3.23
CA LEU A 620 -11.66 22.66 -2.85
C LEU A 620 -12.40 23.94 -2.57
N ILE A 621 -11.72 24.92 -1.99
CA ILE A 621 -12.30 26.22 -1.71
C ILE A 621 -12.56 26.92 -3.00
N LEU A 622 -11.69 26.65 -3.96
CA LEU A 622 -11.80 27.22 -5.28
C LEU A 622 -12.95 26.63 -6.05
N SER A 623 -13.02 25.31 -6.09
CA SER A 623 -13.93 24.72 -7.01
C SER A 623 -15.31 24.75 -6.43
N ASN A 624 -15.48 24.95 -5.13
CA ASN A 624 -16.86 25.12 -4.75
C ASN A 624 -17.22 26.62 -4.62
N ILE A 625 -16.29 27.48 -5.05
CA ILE A 625 -16.64 28.88 -5.32
C ILE A 625 -17.44 28.91 -6.60
N LYS A 626 -16.99 28.12 -7.57
CA LYS A 626 -17.58 28.08 -8.91
C LYS A 626 -18.75 27.11 -9.05
N ASN A 627 -18.93 26.21 -8.11
CA ASN A 627 -20.03 25.27 -8.23
C ASN A 627 -21.23 25.75 -7.45
N PHE A 628 -21.06 26.80 -6.65
CA PHE A 628 -22.13 27.20 -5.75
C PHE A 628 -22.37 28.69 -5.77
N ASP A 629 -23.58 29.12 -5.44
CA ASP A 629 -23.84 30.54 -5.22
C ASP A 629 -23.77 30.83 -3.76
N SER A 630 -24.17 32.05 -3.40
CA SER A 630 -24.07 32.49 -2.02
C SER A 630 -24.88 31.59 -1.11
N SER A 631 -24.56 31.63 0.17
CA SER A 631 -25.26 30.94 1.23
C SER A 631 -25.65 29.49 0.95
N ALA A 632 -24.77 28.74 0.31
CA ALA A 632 -25.07 27.36 -0.01
C ALA A 632 -25.10 26.44 1.19
N SER A 633 -24.44 26.77 2.28
CA SER A 633 -24.43 25.87 3.41
C SER A 633 -25.76 25.88 4.06
N MET A 634 -26.37 27.05 4.20
CA MET A 634 -27.73 27.18 4.71
C MET A 634 -28.74 26.35 3.92
N HIS A 635 -28.70 26.46 2.61
CA HIS A 635 -29.67 25.79 1.80
C HIS A 635 -29.44 24.30 1.71
N LYS A 636 -28.23 23.85 1.93
CA LYS A 636 -28.02 22.43 1.88
C LYS A 636 -28.46 21.81 3.17
N PHE A 637 -28.40 22.59 4.24
CA PHE A 637 -28.63 22.01 5.55
C PHE A 637 -30.11 22.01 5.81
N ALA A 638 -30.75 23.08 5.38
CA ALA A 638 -32.16 23.26 5.61
C ALA A 638 -32.84 22.16 4.88
N GLN A 639 -32.64 22.08 3.57
CA GLN A 639 -33.39 21.12 2.78
C GLN A 639 -33.18 19.70 3.26
N GLY A 640 -32.14 19.47 4.05
CA GLY A 640 -31.98 18.17 4.61
C GLY A 640 -32.91 17.93 5.78
N GLU A 641 -33.08 18.91 6.65
CA GLU A 641 -33.91 18.67 7.81
C GLU A 641 -35.36 18.75 7.42
N LYS A 642 -35.66 19.51 6.36
CA LYS A 642 -36.98 19.49 5.73
C LYS A 642 -37.30 18.12 5.17
N GLU A 643 -36.33 17.53 4.49
CA GLU A 643 -36.52 16.23 3.88
C GLU A 643 -36.36 15.11 4.86
N ALA A 644 -36.52 15.38 6.15
CA ALA A 644 -36.45 14.30 7.14
C ALA A 644 -37.49 14.54 8.20
N PHE A 645 -38.08 15.72 8.18
CA PHE A 645 -39.31 15.94 8.92
C PHE A 645 -40.39 15.26 8.13
N HIS A 646 -40.36 15.42 6.82
CA HIS A 646 -41.33 14.79 5.96
C HIS A 646 -41.32 13.28 6.12
N LYS A 647 -40.15 12.65 6.16
CA LYS A 647 -40.17 11.20 6.30
C LYS A 647 -40.64 10.86 7.70
N GLU A 648 -40.20 11.64 8.69
CA GLU A 648 -40.62 11.42 10.08
C GLU A 648 -42.11 11.38 10.15
N GLN A 649 -42.74 12.37 9.55
CA GLN A 649 -44.15 12.54 9.74
C GLN A 649 -44.92 11.80 8.68
N GLU A 650 -44.24 11.29 7.65
CA GLU A 650 -44.89 10.34 6.78
C GLU A 650 -44.95 8.97 7.43
N ILE A 651 -43.83 8.50 7.96
CA ILE A 651 -43.78 7.19 8.57
C ILE A 651 -44.72 7.12 9.75
N LEU A 652 -44.82 8.20 10.49
CA LEU A 652 -45.64 8.16 11.68
C LEU A 652 -47.09 8.09 11.28
N ARG A 653 -47.49 8.87 10.29
CA ARG A 653 -48.87 8.80 9.81
C ARG A 653 -49.20 7.45 9.21
N ARG A 654 -48.29 6.97 8.37
CA ARG A 654 -48.47 5.74 7.63
C ARG A 654 -48.54 4.53 8.56
N LEU A 655 -48.02 4.68 9.77
CA LEU A 655 -48.04 3.61 10.77
C LEU A 655 -49.34 3.60 11.54
N GLN A 656 -50.17 4.61 11.33
CA GLN A 656 -51.40 4.75 12.10
C GLN A 656 -52.45 3.75 11.66
N GLU A 657 -52.49 3.44 10.37
CA GLU A 657 -53.49 2.50 9.91
C GLU A 657 -52.91 1.11 9.80
N LEU A 658 -51.80 0.89 10.48
CA LEU A 658 -51.30 -0.45 10.75
C LEU A 658 -52.11 -0.98 11.95
N PRO A 659 -52.07 -2.30 12.21
CA PRO A 659 -52.89 -2.92 13.24
C PRO A 659 -52.77 -2.24 14.61
N ASP A 660 -51.63 -2.34 15.30
CA ASP A 660 -51.53 -1.62 16.57
C ASP A 660 -50.80 -0.33 16.27
N GLY A 661 -51.58 0.68 15.93
CA GLY A 661 -51.09 1.75 15.10
C GLY A 661 -50.49 2.94 15.79
N GLU A 662 -51.13 3.49 16.79
CA GLU A 662 -50.56 4.68 17.35
C GLU A 662 -49.68 4.27 18.49
N GLN A 663 -49.55 2.97 18.68
CA GLN A 663 -48.57 2.55 19.63
C GLN A 663 -47.29 2.49 18.85
N LYS A 664 -47.22 1.58 17.90
CA LYS A 664 -46.06 1.43 17.04
C LYS A 664 -45.48 2.77 16.64
N ALA A 665 -46.33 3.76 16.40
CA ALA A 665 -45.87 5.11 16.08
C ALA A 665 -45.01 5.71 17.19
N MET A 666 -45.58 5.84 18.39
CA MET A 666 -44.89 6.52 19.47
C MET A 666 -43.57 5.90 19.86
N GLU A 667 -43.38 4.62 19.60
CA GLU A 667 -42.12 4.03 19.98
C GLU A 667 -41.12 4.30 18.90
N THR A 668 -41.60 4.58 17.70
CA THR A 668 -40.64 4.95 16.66
C THR A 668 -40.28 6.41 16.86
N LYS A 669 -41.25 7.31 17.02
CA LYS A 669 -40.84 8.70 17.20
C LYS A 669 -39.87 8.80 18.34
N GLU A 670 -40.02 7.93 19.31
CA GLU A 670 -39.13 7.91 20.44
C GLU A 670 -37.73 7.62 19.95
N LYS A 671 -37.61 6.69 19.01
CA LYS A 671 -36.31 6.32 18.48
C LYS A 671 -35.72 7.34 17.47
N ILE A 672 -36.56 8.10 16.80
CA ILE A 672 -36.10 9.19 15.93
C ILE A 672 -35.52 10.35 16.68
N ASP A 673 -36.16 10.73 17.78
CA ASP A 673 -35.66 11.79 18.59
C ASP A 673 -34.33 11.38 19.17
N ILE A 674 -34.25 10.13 19.61
CA ILE A 674 -33.04 9.59 20.15
C ILE A 674 -31.97 9.58 19.08
N LEU A 675 -32.35 9.11 17.90
CA LEU A 675 -31.45 9.02 16.78
C LEU A 675 -30.85 10.35 16.51
N ARG A 676 -31.71 11.31 16.20
CA ARG A 676 -31.20 12.58 15.77
C ARG A 676 -30.56 13.41 16.89
N HIS A 677 -30.28 12.83 18.03
CA HIS A 677 -29.65 13.58 19.12
C HIS A 677 -28.20 13.13 19.22
N PHE A 678 -27.99 11.83 19.03
CA PHE A 678 -26.71 11.18 19.25
C PHE A 678 -25.97 10.70 18.02
N ILE A 679 -26.33 11.20 16.85
CA ILE A 679 -25.66 10.78 15.62
C ILE A 679 -24.52 11.72 15.32
N GLY A 680 -24.68 12.96 15.75
CA GLY A 680 -23.62 13.90 15.56
C GLY A 680 -22.49 13.39 16.38
N TYR A 681 -22.78 13.13 17.65
CA TYR A 681 -21.72 12.86 18.60
C TYR A 681 -20.87 11.68 18.15
N ARG A 682 -21.40 10.86 17.24
CA ARG A 682 -20.74 9.63 16.81
C ARG A 682 -19.37 9.94 16.24
N GLU A 683 -19.23 11.15 15.74
CA GLU A 683 -18.03 11.52 15.08
C GLU A 683 -17.10 12.40 15.93
N TYR A 684 -17.53 12.74 17.15
CA TYR A 684 -16.75 13.60 18.02
C TYR A 684 -15.51 12.95 18.64
N PRO A 685 -15.60 11.70 19.09
CA PRO A 685 -14.44 11.17 19.79
C PRO A 685 -13.21 11.07 18.93
N LYS A 686 -13.34 10.91 17.64
CA LYS A 686 -12.14 10.92 16.84
C LYS A 686 -11.60 12.31 16.81
N TYR A 687 -12.47 13.29 16.83
CA TYR A 687 -12.02 14.66 16.72
C TYR A 687 -11.30 15.10 17.98
N GLY A 688 -11.66 14.52 19.11
CA GLY A 688 -10.93 14.80 20.33
C GLY A 688 -9.58 14.12 20.38
N MET A 689 -9.54 12.87 19.94
CA MET A 689 -8.33 12.10 19.87
C MET A 689 -7.27 12.85 19.07
N ILE A 690 -7.60 13.18 17.84
CA ILE A 690 -6.67 13.82 16.94
C ILE A 690 -6.10 15.11 17.46
N ASN A 691 -6.96 15.98 17.97
CA ASN A 691 -6.50 17.23 18.54
C ASN A 691 -5.35 17.04 19.47
N ARG A 692 -5.46 16.03 20.33
CA ARG A 692 -4.32 15.61 21.12
C ARG A 692 -3.20 15.21 20.17
N TYR A 693 -3.45 14.35 19.19
CA TYR A 693 -2.36 13.90 18.35
C TYR A 693 -1.59 15.04 17.70
N PHE A 694 -2.28 16.11 17.34
CA PHE A 694 -1.56 17.18 16.70
C PHE A 694 -0.81 17.95 17.74
N ILE A 695 -1.37 18.06 18.94
CA ILE A 695 -0.65 18.73 20.00
C ILE A 695 0.61 17.94 20.37
N TYR A 696 0.53 16.62 20.45
CA TYR A 696 1.71 15.78 20.66
C TYR A 696 2.70 15.94 19.54
N LYS A 697 2.21 16.01 18.30
CA LYS A 697 3.10 16.10 17.13
C LYS A 697 3.95 17.35 17.16
N LEU A 698 3.33 18.46 17.52
CA LEU A 698 4.05 19.71 17.60
C LEU A 698 5.17 19.59 18.61
N ALA A 699 4.85 19.01 19.77
CA ALA A 699 5.83 18.83 20.82
C ALA A 699 6.93 17.91 20.40
N LEU A 700 6.59 16.81 19.75
CA LEU A 700 7.62 15.89 19.33
C LEU A 700 8.47 16.43 18.17
N LEU A 701 7.97 17.36 17.38
CA LEU A 701 8.82 17.95 16.36
C LEU A 701 9.84 18.90 16.99
N ARG A 702 9.44 19.56 18.07
CA ARG A 702 10.32 20.46 18.77
C ARG A 702 11.50 19.70 19.29
N ALA A 703 11.23 18.53 19.82
CA ALA A 703 12.29 17.72 20.37
C ALA A 703 13.15 17.24 19.25
N GLY A 704 12.55 16.98 18.11
CA GLY A 704 13.32 16.53 16.97
C GLY A 704 14.18 17.62 16.39
N GLU A 705 13.77 18.87 16.52
CA GLU A 705 14.60 19.92 15.98
C GLU A 705 15.66 20.22 17.02
N GLN A 706 15.31 20.00 18.28
CA GLN A 706 16.26 20.09 19.37
C GLN A 706 17.30 18.99 19.27
N LEU A 707 16.96 17.93 18.58
CA LEU A 707 17.88 16.80 18.40
C LEU A 707 18.82 17.07 17.27
N VAL A 708 18.41 17.91 16.35
CA VAL A 708 19.28 18.30 15.28
C VAL A 708 20.37 19.20 15.79
N LYS A 709 20.01 20.20 16.58
CA LYS A 709 20.99 21.11 17.14
C LYS A 709 22.10 20.39 17.85
N ASP A 710 21.75 19.39 18.64
CA ASP A 710 22.72 18.55 19.37
C ASP A 710 23.50 17.62 18.47
N GLY A 711 23.20 17.66 17.19
CA GLY A 711 23.98 16.87 16.23
C GLY A 711 23.67 15.41 16.29
N ILE A 712 22.62 15.05 16.99
CA ILE A 712 22.41 13.62 17.08
C ILE A 712 21.52 13.09 15.93
N LEU A 713 20.60 13.89 15.35
CA LEU A 713 19.86 13.47 14.12
C LEU A 713 20.16 14.24 12.81
N GLN A 714 20.12 13.55 11.69
CA GLN A 714 20.42 14.18 10.40
C GLN A 714 19.27 15.09 10.00
N GLU A 715 18.08 14.52 9.86
CA GLU A 715 16.89 15.24 9.47
C GLU A 715 15.88 15.32 10.59
N HIS A 716 15.31 16.50 10.74
CA HIS A 716 14.42 16.83 11.84
C HIS A 716 13.17 15.93 11.93
N GLU A 717 12.71 15.41 10.81
CA GLU A 717 11.53 14.56 10.79
C GLU A 717 11.95 13.12 10.67
N ASP A 718 13.18 12.79 11.02
CA ASP A 718 13.58 11.40 10.99
C ASP A 718 13.04 10.71 12.20
N ILE A 719 12.42 11.46 13.09
CA ILE A 719 11.82 10.85 14.26
C ILE A 719 10.55 10.11 13.91
N TYR A 720 10.11 10.20 12.66
CA TYR A 720 8.93 9.48 12.21
C TYR A 720 9.24 8.02 11.98
N PHE A 721 10.51 7.68 11.91
CA PHE A 721 10.84 6.28 11.62
C PHE A 721 11.26 5.48 12.87
N LEU A 722 11.10 6.08 14.04
CA LEU A 722 11.30 5.39 15.30
C LEU A 722 9.98 5.24 16.02
N TYR A 723 9.75 4.09 16.64
CA TYR A 723 8.58 3.94 17.48
C TYR A 723 8.76 4.78 18.74
N PHE A 724 7.69 5.08 19.45
CA PHE A 724 7.78 6.02 20.56
C PHE A 724 8.76 5.63 21.67
N GLU A 725 9.14 4.36 21.76
CA GLU A 725 10.05 3.97 22.83
C GLU A 725 11.46 4.22 22.38
N GLU A 726 11.76 3.76 21.17
CA GLU A 726 13.03 4.00 20.57
C GLU A 726 13.32 5.48 20.61
N LEU A 727 12.28 6.29 20.43
CA LEU A 727 12.47 7.72 20.41
C LEU A 727 12.80 8.22 21.80
N ARG A 728 12.19 7.62 22.81
CA ARG A 728 12.50 7.95 24.18
C ARG A 728 13.98 7.77 24.43
N GLU A 729 14.51 6.61 24.05
CA GLU A 729 15.90 6.34 24.34
C GLU A 729 16.83 7.32 23.66
N VAL A 730 16.42 7.86 22.53
CA VAL A 730 17.31 8.74 21.80
C VAL A 730 17.47 10.05 22.54
N VAL A 731 16.42 10.68 23.00
CA VAL A 731 16.61 11.93 23.69
C VAL A 731 17.30 11.67 24.99
N ARG A 732 17.04 10.52 25.55
CA ARG A 732 17.59 10.05 26.81
C ARG A 732 19.03 9.76 26.80
N THR A 733 19.45 9.06 25.78
CA THR A 733 20.81 8.64 25.66
C THR A 733 21.66 9.34 24.66
N GLY A 734 21.08 10.02 23.69
CA GLY A 734 21.86 10.72 22.69
C GLY A 734 22.50 9.75 21.74
N GLN A 735 21.83 8.65 21.50
CA GLN A 735 22.29 7.68 20.53
C GLN A 735 21.26 7.13 19.58
N VAL A 736 21.60 7.04 18.30
CA VAL A 736 20.71 6.49 17.29
C VAL A 736 21.37 5.49 16.40
N ASP A 737 20.60 4.64 15.76
CA ASP A 737 21.10 3.68 14.84
C ASP A 737 20.59 4.03 13.44
N TYR A 738 21.37 4.79 12.67
CA TYR A 738 20.83 5.24 11.40
C TYR A 738 20.71 4.13 10.40
N GLU A 739 21.54 3.10 10.51
CA GLU A 739 21.39 1.95 9.64
C GLU A 739 20.05 1.26 9.92
N LEU A 740 19.43 1.60 11.05
CA LEU A 740 18.07 1.21 11.36
C LEU A 740 17.05 2.11 10.73
N ILE A 741 17.09 3.39 11.08
CA ILE A 741 16.21 4.37 10.49
C ILE A 741 16.17 4.22 8.98
N ASN A 742 17.31 4.23 8.31
CA ASN A 742 17.30 4.10 6.87
C ASN A 742 16.54 2.85 6.39
N ALA A 743 16.55 1.79 7.18
CA ALA A 743 15.81 0.61 6.81
C ALA A 743 14.32 0.78 7.06
N ARG A 744 13.98 1.54 8.07
CA ARG A 744 12.60 1.88 8.31
C ARG A 744 12.13 2.67 7.11
N LYS A 745 12.93 3.66 6.75
CA LYS A 745 12.68 4.51 5.62
C LYS A 745 12.49 3.67 4.38
N ARG A 746 13.33 2.66 4.22
CA ARG A 746 13.30 1.84 3.03
C ARG A 746 12.10 0.92 3.03
N ASP A 747 11.74 0.45 4.22
CA ASP A 747 10.66 -0.49 4.39
C ASP A 747 9.38 0.22 4.09
N PHE A 748 9.31 1.46 4.52
CA PHE A 748 8.12 2.26 4.32
C PHE A 748 7.78 2.38 2.87
N ALA A 749 8.82 2.54 2.06
CA ALA A 749 8.69 2.68 0.62
C ALA A 749 8.07 1.45 -0.01
N THR A 750 8.41 0.30 0.52
CA THR A 750 8.00 -0.95 -0.10
C THR A 750 6.73 -1.38 0.54
N PHE A 751 6.28 -0.65 1.56
CA PHE A 751 4.85 -0.65 1.88
C PHE A 751 4.46 0.52 1.02
N GLU A 752 3.26 1.05 1.18
CA GLU A 752 2.70 2.00 0.21
C GLU A 752 2.27 1.33 -1.10
N LYS A 753 3.21 0.57 -1.68
CA LYS A 753 3.02 -0.37 -2.77
C LYS A 753 2.12 -1.54 -2.40
N LEU A 754 1.90 -1.74 -1.10
CA LEU A 754 1.02 -2.81 -0.67
C LEU A 754 -0.39 -2.29 -0.46
N THR A 755 -1.35 -3.19 -0.43
CA THR A 755 -2.74 -2.88 -0.10
C THR A 755 -3.22 -3.91 0.89
N PRO A 756 -3.60 -3.45 2.09
CA PRO A 756 -3.86 -4.40 3.16
C PRO A 756 -5.05 -5.26 2.78
N PRO A 757 -5.11 -6.50 3.29
CA PRO A 757 -6.24 -7.33 2.91
C PRO A 757 -7.33 -7.13 3.92
N ARG A 758 -8.57 -7.49 3.64
CA ARG A 758 -9.60 -7.35 4.66
C ARG A 758 -9.16 -8.16 5.82
N ILE A 759 -8.77 -9.41 5.55
CA ILE A 759 -8.26 -10.34 6.57
C ILE A 759 -6.87 -10.85 6.22
N LEU A 760 -6.03 -10.98 7.23
CA LEU A 760 -4.67 -11.45 7.07
C LEU A 760 -4.50 -12.67 7.96
N THR A 761 -3.67 -13.62 7.52
CA THR A 761 -3.50 -14.94 8.15
C THR A 761 -2.06 -15.09 8.66
N SER A 762 -1.77 -15.97 9.63
CA SER A 762 -0.38 -16.20 10.09
C SER A 762 0.53 -16.62 8.97
N ASP A 763 -0.06 -17.08 7.88
CA ASP A 763 0.70 -17.56 6.76
C ASP A 763 0.83 -16.48 5.72
N GLY A 764 0.09 -15.39 5.90
CA GLY A 764 0.14 -14.27 5.01
C GLY A 764 -0.71 -14.52 3.82
N GLU A 765 -1.68 -15.41 3.97
CA GLU A 765 -2.73 -15.45 3.00
C GLU A 765 -3.52 -14.18 3.13
N MET A 766 -4.08 -13.68 2.03
CA MET A 766 -4.99 -12.53 2.08
C MET A 766 -6.45 -12.84 1.70
N ILE A 767 -7.41 -12.41 2.49
CA ILE A 767 -8.73 -12.87 2.14
C ILE A 767 -9.66 -11.69 1.97
N ASN A 768 -10.18 -11.34 0.83
CA ASN A 768 -11.08 -10.23 0.86
C ASN A 768 -12.30 -11.04 0.67
N GLY A 769 -13.42 -10.70 1.25
CA GLY A 769 -14.60 -11.53 1.14
C GLY A 769 -15.19 -11.47 -0.22
N GLU A 770 -16.21 -12.26 -0.49
CA GLU A 770 -16.85 -12.22 -1.77
C GLU A 770 -18.25 -11.82 -1.44
N TYR A 771 -18.88 -11.01 -2.26
CA TYR A 771 -20.25 -10.54 -2.02
C TYR A 771 -21.28 -11.45 -2.55
N LYS A 772 -22.53 -11.25 -2.17
CA LYS A 772 -23.58 -12.12 -2.70
C LYS A 772 -24.66 -11.49 -3.58
N ARG A 773 -24.48 -11.55 -4.90
CA ARG A 773 -25.57 -11.03 -5.73
C ARG A 773 -26.70 -12.05 -5.71
N GLU A 774 -27.69 -11.74 -4.89
CA GLU A 774 -28.84 -12.60 -4.79
C GLU A 774 -29.72 -12.59 -6.01
N ASN A 775 -30.33 -11.44 -6.25
CA ASN A 775 -31.15 -11.24 -7.41
C ASN A 775 -30.94 -9.75 -7.72
N LEU A 776 -29.68 -9.46 -8.02
CA LEU A 776 -29.18 -8.16 -8.42
C LEU A 776 -28.77 -8.27 -9.86
N PRO A 777 -28.78 -7.15 -10.62
CA PRO A 777 -28.44 -7.29 -12.04
C PRO A 777 -27.08 -7.93 -12.18
N LYS A 778 -26.92 -8.96 -13.01
CA LYS A 778 -25.57 -9.47 -13.25
C LYS A 778 -24.85 -8.38 -14.01
N ASP A 779 -23.51 -8.43 -13.97
CA ASP A 779 -22.62 -7.43 -14.58
C ASP A 779 -22.53 -6.17 -13.74
N ALA A 780 -23.05 -6.26 -12.52
CA ALA A 780 -22.98 -5.16 -11.60
C ALA A 780 -21.78 -5.35 -10.71
N ILE A 781 -21.23 -4.23 -10.26
CA ILE A 781 -20.22 -4.27 -9.23
C ILE A 781 -20.89 -4.22 -7.85
N LEU A 782 -20.64 -5.19 -6.99
CA LEU A 782 -21.38 -5.27 -5.74
C LEU A 782 -20.67 -4.52 -4.63
N GLY A 783 -21.42 -3.85 -3.76
CA GLY A 783 -20.86 -3.28 -2.52
C GLY A 783 -21.82 -3.19 -1.32
N LEU A 784 -21.45 -2.48 -0.26
CA LEU A 784 -22.41 -2.25 0.83
C LEU A 784 -23.26 -1.03 0.60
N PRO A 785 -24.57 -1.16 0.74
CA PRO A 785 -25.53 -0.08 0.58
C PRO A 785 -25.27 1.14 1.42
N VAL A 786 -25.19 1.09 2.74
CA VAL A 786 -24.74 2.27 3.49
C VAL A 786 -25.93 3.11 2.94
N SER A 787 -25.73 4.23 2.28
CA SER A 787 -26.61 5.40 2.24
C SER A 787 -27.56 5.38 1.05
N SER A 788 -28.85 5.55 1.31
CA SER A 788 -29.93 5.20 0.39
C SER A 788 -30.13 6.14 -0.80
N GLY A 789 -30.52 5.54 -1.94
CA GLY A 789 -30.88 6.24 -3.15
C GLY A 789 -30.17 5.70 -4.37
N THR A 790 -30.76 5.90 -5.55
CA THR A 790 -30.12 5.51 -6.81
C THR A 790 -29.82 6.75 -7.63
N VAL A 791 -28.67 6.79 -8.28
CA VAL A 791 -28.30 7.98 -8.97
C VAL A 791 -27.34 7.64 -10.09
N GLU A 792 -27.29 8.51 -11.09
CA GLU A 792 -26.56 8.27 -12.33
C GLU A 792 -25.69 9.47 -12.63
N GLY A 793 -24.43 9.24 -12.96
CA GLY A 793 -23.54 10.37 -13.16
C GLY A 793 -22.15 10.02 -13.60
N ARG A 794 -21.30 11.04 -13.74
CA ARG A 794 -19.94 10.85 -14.23
C ARG A 794 -19.01 10.30 -13.17
N ALA A 795 -18.31 9.22 -13.47
CA ALA A 795 -17.36 8.73 -12.49
C ALA A 795 -16.11 9.58 -12.51
N ARG A 796 -15.73 10.06 -11.34
CA ARG A 796 -14.47 10.72 -11.16
C ARG A 796 -13.62 9.88 -10.20
N VAL A 797 -12.61 9.22 -10.73
CA VAL A 797 -11.75 8.41 -9.90
C VAL A 797 -10.52 9.17 -9.42
N ILE A 798 -10.49 9.45 -8.14
CA ILE A 798 -9.54 10.35 -7.56
C ILE A 798 -8.83 9.70 -6.40
N LEU A 799 -7.51 9.83 -6.31
CA LEU A 799 -6.86 9.30 -5.12
C LEU A 799 -6.41 10.40 -4.18
N GLU A 800 -6.23 11.62 -4.68
CA GLU A 800 -5.89 12.75 -3.83
C GLU A 800 -6.99 13.81 -3.78
N MET A 801 -7.54 14.18 -2.61
CA MET A 801 -8.65 15.18 -2.60
C MET A 801 -8.24 16.49 -3.24
N GLU A 802 -6.99 16.86 -3.06
CA GLU A 802 -6.44 18.05 -3.69
C GLU A 802 -6.53 18.08 -5.22
N LYS A 803 -6.25 16.97 -5.89
CA LYS A 803 -6.31 16.91 -7.36
C LYS A 803 -7.72 16.62 -7.87
N ALA A 804 -8.68 16.70 -6.96
CA ALA A 804 -10.06 16.35 -7.24
C ALA A 804 -10.74 17.56 -7.80
N ASP A 805 -11.12 17.55 -9.06
CA ASP A 805 -11.79 18.75 -9.49
C ASP A 805 -13.26 18.47 -9.68
N LEU A 806 -14.00 18.35 -8.57
CA LEU A 806 -15.36 17.85 -8.67
C LEU A 806 -16.33 18.83 -9.25
N GLU A 807 -17.24 18.32 -10.06
CA GLU A 807 -18.27 19.14 -10.67
C GLU A 807 -19.64 18.59 -10.34
N ASP A 808 -20.67 19.35 -10.70
CA ASP A 808 -22.04 19.03 -10.33
C ASP A 808 -22.53 17.60 -10.55
N GLY A 809 -22.26 17.05 -11.72
CA GLY A 809 -22.75 15.71 -11.99
C GLY A 809 -22.09 14.61 -11.19
N ASP A 810 -20.86 14.85 -10.76
CA ASP A 810 -19.92 13.77 -10.54
C ASP A 810 -20.28 12.80 -9.46
N ILE A 811 -19.85 11.57 -9.67
CA ILE A 811 -19.92 10.53 -8.68
C ILE A 811 -18.50 10.22 -8.24
N LEU A 812 -18.16 10.46 -6.98
CA LEU A 812 -16.76 10.31 -6.56
C LEU A 812 -16.39 8.88 -6.28
N VAL A 813 -15.47 8.34 -7.07
CA VAL A 813 -14.97 7.01 -6.81
C VAL A 813 -13.54 7.05 -6.29
N THR A 814 -13.30 6.55 -5.08
CA THR A 814 -11.99 6.69 -4.47
C THR A 814 -11.64 5.45 -3.67
N ALA A 815 -10.63 5.50 -2.80
CA ALA A 815 -10.20 4.31 -2.06
C ALA A 815 -10.71 4.29 -0.63
N TYR A 816 -10.41 5.34 0.10
CA TYR A 816 -10.98 5.50 1.41
C TYR A 816 -11.50 6.88 1.45
N THR A 817 -12.16 7.24 2.53
CA THR A 817 -12.85 8.50 2.67
C THR A 817 -13.12 8.76 4.14
N ASP A 818 -12.07 9.15 4.85
CA ASP A 818 -12.12 9.40 6.27
C ASP A 818 -12.62 10.84 6.50
N PRO A 819 -12.72 11.30 7.77
CA PRO A 819 -13.31 12.62 7.97
C PRO A 819 -12.62 13.73 7.15
N SER A 820 -11.30 13.65 6.97
CA SER A 820 -10.56 14.41 5.96
C SER A 820 -11.17 14.67 4.61
N TRP A 821 -12.02 13.74 4.16
CA TRP A 821 -12.56 13.81 2.82
C TRP A 821 -13.93 14.48 2.70
N THR A 822 -14.54 14.85 3.81
CA THR A 822 -15.85 15.45 3.75
C THR A 822 -15.95 16.67 2.83
N PRO A 823 -15.12 17.72 3.02
CA PRO A 823 -15.29 18.91 2.19
C PRO A 823 -15.56 18.68 0.72
N ALA A 824 -15.35 17.47 0.21
CA ALA A 824 -15.52 17.20 -1.21
C ALA A 824 -16.83 16.52 -1.50
N PHE A 825 -17.72 16.44 -0.51
CA PHE A 825 -19.01 15.79 -0.64
C PHE A 825 -20.12 16.75 -1.03
N VAL A 826 -19.78 18.00 -1.29
CA VAL A 826 -20.80 19.01 -1.41
C VAL A 826 -21.26 19.21 -2.84
N SER A 827 -20.43 18.85 -3.81
CA SER A 827 -20.81 18.97 -5.21
C SER A 827 -21.22 17.64 -5.84
N ILE A 828 -20.72 16.53 -5.31
CA ILE A 828 -20.97 15.24 -5.92
C ILE A 828 -22.35 14.71 -5.63
N LYS A 829 -22.76 13.81 -6.50
CA LYS A 829 -24.10 13.26 -6.51
C LYS A 829 -24.14 11.90 -5.88
N GLY A 830 -22.98 11.27 -5.67
CA GLY A 830 -22.96 9.96 -5.06
C GLY A 830 -21.55 9.54 -4.79
N LEU A 831 -21.34 8.59 -3.90
CA LEU A 831 -20.00 8.23 -3.50
C LEU A 831 -19.77 6.73 -3.62
N VAL A 832 -18.54 6.33 -3.93
CA VAL A 832 -18.15 4.92 -4.04
C VAL A 832 -16.76 4.72 -3.44
N THR A 833 -16.56 3.76 -2.56
CA THR A 833 -15.23 3.59 -1.98
C THR A 833 -14.83 2.16 -1.98
N GLU A 834 -13.61 1.83 -1.63
CA GLU A 834 -13.16 0.46 -1.83
C GLU A 834 -13.25 -0.31 -0.53
N VAL A 835 -13.66 0.39 0.51
CA VAL A 835 -13.34 -0.04 1.84
C VAL A 835 -14.31 0.62 2.76
N GLY A 836 -14.68 0.00 3.86
CA GLY A 836 -15.45 0.76 4.82
C GLY A 836 -16.44 -0.07 5.57
N GLY A 837 -17.64 0.45 5.69
CA GLY A 837 -18.66 -0.30 6.38
C GLY A 837 -19.67 0.65 6.89
N LEU A 838 -20.90 0.17 6.96
CA LEU A 838 -22.03 0.87 7.54
C LEU A 838 -21.56 1.42 8.86
N MET A 839 -21.98 2.64 9.19
CA MET A 839 -21.63 3.23 10.50
C MET A 839 -20.11 3.48 10.70
N THR A 840 -19.36 3.76 9.65
CA THR A 840 -17.95 4.11 9.79
C THR A 840 -17.53 5.26 8.86
N HIS A 841 -17.34 6.46 9.39
CA HIS A 841 -17.08 7.65 8.54
C HIS A 841 -16.18 7.33 7.39
N GLY A 842 -16.52 7.82 6.22
CA GLY A 842 -17.56 8.80 6.08
C GLY A 842 -18.81 8.21 5.46
N ALA A 843 -19.03 6.92 5.66
CA ALA A 843 -20.33 6.34 5.34
C ALA A 843 -21.39 7.09 6.10
N VAL A 844 -21.13 7.29 7.38
CA VAL A 844 -22.04 8.04 8.25
C VAL A 844 -22.30 9.44 7.75
N ILE A 845 -21.40 9.99 6.94
CA ILE A 845 -21.53 11.38 6.50
C ILE A 845 -22.32 11.44 5.23
N ALA A 846 -22.22 10.42 4.40
CA ALA A 846 -23.08 10.36 3.25
C ALA A 846 -24.55 10.38 3.62
N ARG A 847 -24.94 9.74 4.71
CA ARG A 847 -26.35 9.71 5.07
C ARG A 847 -26.87 11.09 5.36
N GLU A 848 -26.10 11.90 6.06
CA GLU A 848 -26.61 13.19 6.50
C GLU A 848 -26.56 14.21 5.41
N TYR A 849 -25.69 14.01 4.46
CA TYR A 849 -25.66 14.88 3.31
C TYR A 849 -26.72 14.45 2.31
N GLY A 850 -27.34 13.31 2.53
CA GLY A 850 -28.27 12.77 1.55
C GLY A 850 -27.57 12.40 0.25
N LEU A 851 -26.54 11.58 0.37
CA LEU A 851 -25.73 11.15 -0.74
C LEU A 851 -25.80 9.65 -0.91
N PRO A 852 -26.19 9.18 -2.08
CA PRO A 852 -26.14 7.73 -2.22
C PRO A 852 -24.71 7.26 -2.18
N ALA A 853 -24.41 6.17 -1.48
CA ALA A 853 -23.03 5.71 -1.38
C ALA A 853 -22.97 4.21 -1.28
N VAL A 854 -21.98 3.57 -1.90
CA VAL A 854 -21.82 2.11 -1.86
C VAL A 854 -20.40 1.93 -1.43
N VAL A 855 -20.05 0.91 -0.66
CA VAL A 855 -18.80 1.04 0.07
C VAL A 855 -17.83 -0.12 0.00
N GLY A 856 -18.27 -1.34 0.10
CA GLY A 856 -17.25 -2.35 0.19
C GLY A 856 -16.74 -2.79 -1.16
N VAL A 857 -16.38 -1.85 -2.05
CA VAL A 857 -16.25 -2.23 -3.47
C VAL A 857 -14.84 -2.68 -3.92
N GLU A 858 -14.74 -3.99 -4.11
CA GLU A 858 -13.46 -4.65 -4.56
C GLU A 858 -13.52 -3.70 -5.70
N ASN A 859 -12.38 -3.19 -6.21
CA ASN A 859 -11.18 -2.63 -6.83
C ASN A 859 -11.74 -1.50 -7.59
N ALA A 860 -12.70 -0.82 -6.96
CA ALA A 860 -13.42 0.25 -7.58
C ALA A 860 -12.54 1.16 -8.39
N THR A 861 -11.42 1.61 -7.83
CA THR A 861 -10.58 2.64 -8.48
C THR A 861 -9.88 2.12 -9.73
N THR A 862 -9.80 0.81 -9.85
CA THR A 862 -9.17 0.17 -10.98
C THR A 862 -10.20 -0.40 -11.94
N ILE A 863 -11.32 -0.85 -11.39
CA ILE A 863 -12.37 -1.40 -12.20
C ILE A 863 -13.08 -0.31 -12.97
N ILE A 864 -13.40 0.79 -12.30
CA ILE A 864 -14.12 1.87 -12.92
C ILE A 864 -13.16 2.87 -13.53
N LYS A 865 -13.53 3.42 -14.68
CA LYS A 865 -12.64 4.33 -15.36
C LYS A 865 -13.12 5.75 -15.16
N ASP A 866 -12.20 6.67 -14.92
CA ASP A 866 -12.55 8.05 -14.71
C ASP A 866 -13.26 8.52 -15.93
N GLY A 867 -14.44 9.09 -15.76
CA GLY A 867 -15.19 9.62 -16.89
C GLY A 867 -16.34 8.77 -17.39
N GLN A 868 -16.28 7.46 -17.12
CA GLN A 868 -17.36 6.53 -17.40
C GLN A 868 -18.62 6.98 -16.69
N GLN A 869 -19.70 7.15 -17.44
CA GLN A 869 -20.99 7.38 -16.83
C GLN A 869 -21.30 6.11 -16.07
N ILE A 870 -22.03 6.22 -14.98
CA ILE A 870 -22.07 5.13 -14.04
C ILE A 870 -23.34 5.28 -13.25
N ARG A 871 -23.91 4.19 -12.78
CA ARG A 871 -25.09 4.26 -11.91
C ARG A 871 -24.82 3.61 -10.60
N ILE A 872 -24.99 4.32 -9.49
CA ILE A 872 -24.89 3.64 -8.21
C ILE A 872 -26.24 3.52 -7.52
N ASN A 873 -26.47 2.34 -6.95
CA ASN A 873 -27.63 2.08 -6.14
C ASN A 873 -27.15 1.91 -4.75
N GLY A 874 -27.47 2.87 -3.90
CA GLY A 874 -27.04 2.76 -2.53
C GLY A 874 -28.20 2.35 -1.69
N THR A 875 -29.00 1.39 -2.17
CA THR A 875 -30.08 0.80 -1.38
C THR A 875 -29.86 -0.69 -1.38
N GLU A 876 -30.09 -1.31 -2.53
CA GLU A 876 -29.41 -2.56 -2.84
C GLU A 876 -28.00 -2.11 -3.09
N GLY A 877 -26.96 -2.83 -2.71
CA GLY A 877 -25.65 -2.24 -2.99
C GLY A 877 -24.99 -2.63 -4.28
N TYR A 878 -25.15 -1.86 -5.34
CA TYR A 878 -24.51 -2.27 -6.58
C TYR A 878 -24.12 -1.09 -7.41
N ILE A 879 -23.36 -1.34 -8.47
CA ILE A 879 -22.97 -0.32 -9.41
C ILE A 879 -23.12 -0.81 -10.85
N GLU A 880 -23.77 -0.04 -11.70
CA GLU A 880 -23.84 -0.42 -13.10
C GLU A 880 -22.98 0.50 -13.96
N ILE A 881 -22.09 -0.09 -14.76
CA ILE A 881 -21.37 0.67 -15.77
C ILE A 881 -22.32 1.00 -16.90
N LEU A 882 -23.06 2.05 -16.71
CA LEU A 882 -23.80 2.65 -17.77
C LEU A 882 -22.94 2.78 -19.01
N ASP A 883 -23.52 2.77 -20.20
CA ASP A 883 -22.72 2.93 -21.41
C ASP A 883 -21.99 4.28 -21.39
#